data_4DQK
#
_entry.id   4DQK
#
_cell.length_a   191.387
_cell.length_b   191.387
_cell.length_c   74.211
_cell.angle_alpha   90.00
_cell.angle_beta   90.00
_cell.angle_gamma   120.00
#
_symmetry.space_group_name_H-M   'P 31 2 1'
#
loop_
_entity.id
_entity.type
_entity.pdbx_description
1 polymer 'Bifunctional P-450/NADPH-P450 reductase'
2 non-polymer 'FLAVIN-ADENINE DINUCLEOTIDE'
3 non-polymer 'SULFATE ION'
4 non-polymer 'TETRAETHYLENE GLYCOL'
5 water water
#
_entity_poly.entity_id   1
_entity_poly.type   'polypeptide(L)'
_entity_poly.pdbx_seq_one_letter_code
;MHGAFSTNVVASKELQQPGSARSTRHLEIELPKEASYQEGDHLGVIPRNYEGIVNRVTARFGLDASQQIRLEAEEEKLAH
LPLAKTVSVEELLQYVELQDPVTRTQLRAMAAKTVAPPHKVELEALLEKQAYKEQVLAKRLTMLELLEKYPACEMKFSEF
IALLPSIRPRYYSISSSPRVDEKQASITVSVVSGEAWSGYGEYKGIASNYLAELQEGDTITCFISTPQSEFTLPKDPETP
LIMVGPGTGVAPFRGFVQARKQLKEQGQSLGEAHLYFGCRSPHEDYLYQEELENAQSEGIITLHTAFSRMPNQPKTYVQH
VMEQDGKKLIELLDQGAHFYICGDGSQMAPAVEATLMKSYADVHQVSEADARLWLQQLEEKGRYAKDVWAG
;
_entity_poly.pdbx_strand_id   A,B
#
# COMPACT_ATOMS: atom_id res chain seq x y z
N MET A 1 -27.07 28.46 -2.29
CA MET A 1 -27.63 27.06 -2.49
C MET A 1 -28.55 26.49 -1.32
N HIS A 2 -29.85 26.84 -1.40
CA HIS A 2 -30.98 26.28 -0.59
C HIS A 2 -32.07 25.64 -1.54
N GLY A 3 -31.87 24.38 -1.97
CA GLY A 3 -32.78 23.68 -2.96
C GLY A 3 -33.90 22.88 -2.30
N ALA A 4 -34.79 23.60 -1.63
CA ALA A 4 -35.62 23.07 -0.58
C ALA A 4 -36.77 22.23 -1.08
N PHE A 5 -37.16 21.25 -0.29
CA PHE A 5 -38.27 20.40 -0.62
C PHE A 5 -39.12 20.12 0.61
N SER A 6 -40.35 19.68 0.36
CA SER A 6 -41.33 19.41 1.40
C SER A 6 -41.41 17.92 1.56
N THR A 7 -41.57 17.44 2.77
CA THR A 7 -41.46 16.02 2.99
C THR A 7 -42.00 15.63 4.36
N ASN A 8 -42.07 14.34 4.64
CA ASN A 8 -42.71 13.90 5.87
C ASN A 8 -41.79 13.45 7.00
N VAL A 9 -42.22 13.75 8.21
CA VAL A 9 -41.64 13.24 9.43
C VAL A 9 -42.03 11.78 9.68
N VAL A 10 -41.07 10.86 9.77
CA VAL A 10 -41.42 9.46 10.00
C VAL A 10 -41.26 9.08 11.44
N ALA A 11 -40.54 9.85 12.23
CA ALA A 11 -40.49 9.54 13.66
C ALA A 11 -40.10 10.78 14.46
N SER A 12 -40.49 10.82 15.72
CA SER A 12 -40.22 11.99 16.50
C SER A 12 -40.33 11.56 17.91
N LYS A 13 -39.28 11.64 18.70
CA LYS A 13 -39.37 11.12 20.03
C LYS A 13 -38.40 11.80 20.93
N GLU A 14 -38.54 11.58 22.21
CA GLU A 14 -37.75 12.26 23.21
C GLU A 14 -36.52 11.38 23.46
N LEU A 15 -35.36 12.01 23.67
CA LEU A 15 -34.14 11.28 23.98
C LEU A 15 -33.73 11.37 25.42
N GLN A 16 -34.12 12.39 26.15
CA GLN A 16 -33.76 12.45 27.54
C GLN A 16 -34.69 11.56 28.38
N GLN A 17 -34.32 11.38 29.63
CA GLN A 17 -35.07 10.49 30.52
C GLN A 17 -36.32 11.16 31.12
N PRO A 18 -37.33 10.34 31.51
CA PRO A 18 -38.50 10.89 32.19
C PRO A 18 -38.01 11.71 33.36
N GLY A 19 -38.58 12.90 33.51
CA GLY A 19 -38.15 13.76 34.60
C GLY A 19 -36.91 14.59 34.41
N SER A 20 -36.27 14.51 33.24
CA SER A 20 -35.22 15.48 32.94
C SER A 20 -35.91 16.84 32.82
N ALA A 21 -35.28 17.90 33.34
CA ALA A 21 -35.80 19.26 33.12
C ALA A 21 -35.59 19.78 31.65
N ARG A 22 -35.00 18.96 30.77
CA ARG A 22 -34.57 19.43 29.46
C ARG A 22 -34.94 18.38 28.49
N SER A 23 -34.90 18.76 27.23
CA SER A 23 -35.35 17.95 26.15
C SER A 23 -34.38 17.98 24.99
N THR A 24 -34.26 16.82 24.35
CA THR A 24 -33.42 16.65 23.16
C THR A 24 -34.22 15.75 22.34
N ARG A 25 -34.44 16.05 21.08
CA ARG A 25 -35.33 15.32 20.23
C ARG A 25 -34.61 14.55 19.16
N HIS A 26 -35.21 13.47 18.68
CA HIS A 26 -34.70 12.71 17.61
C HIS A 26 -35.79 12.64 16.60
N LEU A 27 -35.52 13.06 15.39
CA LEU A 27 -36.47 13.05 14.34
C LEU A 27 -35.94 12.33 13.20
N GLU A 28 -36.78 11.57 12.57
CA GLU A 28 -36.42 10.85 11.34
C GLU A 28 -37.25 11.47 10.26
N ILE A 29 -36.63 11.72 9.13
CA ILE A 29 -37.22 12.44 8.02
C ILE A 29 -37.04 11.66 6.74
N GLU A 30 -38.01 11.73 5.84
CA GLU A 30 -37.96 10.98 4.61
C GLU A 30 -37.43 11.95 3.61
N LEU A 31 -36.73 11.42 2.61
CA LEU A 31 -36.19 12.25 1.58
C LEU A 31 -36.77 11.81 0.25
N PRO A 32 -37.05 12.77 -0.62
CA PRO A 32 -37.51 12.48 -1.98
C PRO A 32 -36.40 11.91 -2.87
N LYS A 33 -36.79 11.25 -3.98
CA LYS A 33 -35.81 10.67 -4.97
C LYS A 33 -34.61 11.59 -5.28
N GLU A 34 -34.91 12.84 -5.63
CA GLU A 34 -33.89 13.87 -5.99
C GLU A 34 -32.83 14.24 -4.92
N ALA A 35 -33.16 14.04 -3.63
CA ALA A 35 -32.20 14.40 -2.57
C ALA A 35 -31.33 13.21 -2.23
N SER A 36 -30.14 13.52 -1.74
CA SER A 36 -29.25 12.51 -1.21
C SER A 36 -28.30 13.18 -0.23
N TYR A 37 -27.67 12.36 0.62
CA TYR A 37 -26.79 12.86 1.62
C TYR A 37 -25.63 11.98 1.95
N GLN A 38 -24.70 12.51 2.73
CA GLN A 38 -23.49 11.83 3.14
C GLN A 38 -23.31 12.06 4.62
N GLU A 39 -22.59 11.19 5.32
CA GLU A 39 -22.15 11.49 6.73
C GLU A 39 -21.49 12.90 6.75
N GLY A 40 -21.71 13.56 7.91
CA GLY A 40 -21.34 14.94 8.17
C GLY A 40 -22.08 16.00 7.37
N ASP A 41 -23.12 15.63 6.64
CA ASP A 41 -23.96 16.68 5.96
C ASP A 41 -24.95 17.25 7.01
N HIS A 42 -25.47 18.45 6.73
CA HIS A 42 -26.47 19.09 7.58
C HIS A 42 -27.82 19.13 6.91
N LEU A 43 -28.85 19.00 7.75
CA LEU A 43 -30.21 19.31 7.35
C LEU A 43 -30.56 20.78 7.60
N GLY A 44 -30.93 21.46 6.55
CA GLY A 44 -31.37 22.86 6.64
C GLY A 44 -32.83 22.84 6.94
N VAL A 45 -33.28 23.40 8.06
CA VAL A 45 -34.71 23.37 8.36
C VAL A 45 -35.31 24.80 8.32
N ILE A 46 -36.34 25.01 7.49
CA ILE A 46 -37.15 26.25 7.49
C ILE A 46 -38.24 26.12 8.53
N PRO A 47 -38.12 26.83 9.61
CA PRO A 47 -39.03 26.57 10.67
C PRO A 47 -40.24 27.47 10.59
N ARG A 48 -41.24 27.14 11.42
CA ARG A 48 -42.38 27.97 11.68
C ARG A 48 -42.34 28.57 13.07
N ASN A 49 -42.92 29.76 13.19
CA ASN A 49 -43.04 30.40 14.45
C ASN A 49 -44.12 29.76 15.24
N TYR A 50 -43.90 29.51 16.53
CA TYR A 50 -44.90 28.78 17.32
C TYR A 50 -46.16 29.68 17.68
N GLU A 51 -47.22 29.05 18.13
CA GLU A 51 -48.49 29.68 18.35
C GLU A 51 -48.40 30.78 19.38
N GLY A 52 -47.79 30.49 20.52
CA GLY A 52 -47.58 31.47 21.57
C GLY A 52 -47.07 32.81 21.03
N ILE A 53 -46.05 32.77 20.19
CA ILE A 53 -45.41 34.01 19.79
C ILE A 53 -46.25 34.67 18.67
N VAL A 54 -46.94 33.90 17.83
CA VAL A 54 -47.81 34.46 16.82
C VAL A 54 -48.99 35.19 17.57
N ASN A 55 -49.63 34.53 18.51
CA ASN A 55 -50.67 35.16 19.33
C ASN A 55 -50.20 36.41 20.04
N ARG A 56 -48.95 36.48 20.49
CA ARG A 56 -48.51 37.71 21.15
C ARG A 56 -48.58 38.90 20.17
N VAL A 57 -48.30 38.65 18.90
CA VAL A 57 -48.31 39.69 17.91
C VAL A 57 -49.76 40.10 17.54
N THR A 58 -50.61 39.12 17.28
CA THR A 58 -51.98 39.44 16.88
C THR A 58 -52.72 40.12 18.09
N ALA A 59 -52.36 39.78 19.29
CA ALA A 59 -52.92 40.39 20.48
C ALA A 59 -52.43 41.83 20.57
N ARG A 60 -51.17 42.09 20.21
CA ARG A 60 -50.62 43.42 20.41
C ARG A 60 -51.24 44.40 19.42
N PHE A 61 -51.56 43.86 18.25
CA PHE A 61 -52.18 44.64 17.17
C PHE A 61 -53.74 44.53 17.12
N GLY A 62 -54.32 43.78 18.04
CA GLY A 62 -55.74 43.55 18.11
C GLY A 62 -56.29 42.84 16.88
N LEU A 63 -55.58 41.88 16.30
CA LEU A 63 -55.95 41.27 15.04
C LEU A 63 -56.39 39.87 15.24
N ASP A 64 -57.20 39.38 14.32
CA ASP A 64 -57.56 38.00 14.28
C ASP A 64 -56.52 37.27 13.39
N ALA A 65 -56.11 36.06 13.79
CA ALA A 65 -55.18 35.23 13.04
C ALA A 65 -55.58 35.12 11.57
N SER A 66 -56.87 34.95 11.35
CA SER A 66 -57.43 34.59 10.04
C SER A 66 -57.70 35.77 9.17
N GLN A 67 -57.59 36.97 9.70
CA GLN A 67 -57.81 38.17 8.93
C GLN A 67 -56.91 38.23 7.71
N GLN A 68 -57.54 38.15 6.55
CA GLN A 68 -56.88 38.25 5.27
C GLN A 68 -56.46 39.67 5.00
N ILE A 69 -55.25 39.92 4.52
CA ILE A 69 -54.87 41.28 4.18
C ILE A 69 -53.90 41.25 3.05
N ARG A 70 -53.58 42.41 2.48
CA ARG A 70 -52.63 42.55 1.35
C ARG A 70 -51.62 43.66 1.52
N LEU A 71 -50.34 43.32 1.44
CA LEU A 71 -49.29 44.36 1.54
C LEU A 71 -48.85 44.95 0.21
N GLU A 72 -48.05 46.02 0.29
CA GLU A 72 -47.41 46.64 -0.87
C GLU A 72 -46.32 47.63 -0.43
N ALA A 73 -45.21 47.75 -1.18
CA ALA A 73 -44.22 48.86 -0.99
C ALA A 73 -43.86 49.48 -2.34
N ALA A 79 -37.07 41.63 4.17
CA ALA A 79 -38.01 40.46 4.18
C ALA A 79 -38.58 39.98 2.81
N HIS A 80 -38.84 38.67 2.68
CA HIS A 80 -39.30 38.03 1.41
C HIS A 80 -40.82 37.81 1.35
N LEU A 81 -41.55 38.92 1.53
CA LEU A 81 -43.00 38.92 1.76
C LEU A 81 -43.84 38.78 0.48
N PRO A 82 -44.93 37.96 0.54
CA PRO A 82 -45.86 37.96 -0.61
C PRO A 82 -46.57 39.34 -0.69
N LEU A 83 -46.12 40.17 -1.63
CA LEU A 83 -46.68 41.51 -1.85
C LEU A 83 -47.67 41.47 -3.05
N ALA A 84 -48.74 42.26 -2.95
CA ALA A 84 -49.81 42.28 -3.97
C ALA A 84 -50.57 40.95 -4.01
N LYS A 85 -50.57 40.21 -2.89
CA LYS A 85 -51.42 39.00 -2.74
C LYS A 85 -52.18 39.12 -1.39
N THR A 86 -53.38 38.54 -1.33
CA THR A 86 -54.11 38.48 -0.08
C THR A 86 -53.78 37.20 0.66
N VAL A 87 -53.57 37.31 1.95
CA VAL A 87 -52.90 36.28 2.75
C VAL A 87 -53.24 36.59 4.16
N SER A 88 -53.59 35.63 4.97
CA SER A 88 -53.89 35.91 6.37
C SER A 88 -52.70 36.39 7.18
N VAL A 89 -52.99 36.93 8.36
CA VAL A 89 -52.04 37.56 9.25
C VAL A 89 -51.11 36.48 9.78
N GLU A 90 -51.72 35.43 10.29
CA GLU A 90 -51.05 34.31 10.84
C GLU A 90 -50.05 33.69 9.82
N GLU A 91 -50.41 33.58 8.53
CA GLU A 91 -49.47 33.07 7.52
C GLU A 91 -48.41 34.11 7.14
N LEU A 92 -48.74 35.40 7.18
CA LEU A 92 -47.71 36.41 6.96
C LEU A 92 -46.59 36.26 8.05
N LEU A 93 -47.02 35.97 9.24
CA LEU A 93 -46.20 35.89 10.40
C LEU A 93 -45.22 34.62 10.35
N GLN A 94 -45.48 33.65 9.49
CA GLN A 94 -44.53 32.57 9.18
C GLN A 94 -43.44 32.92 8.15
N TYR A 95 -43.33 34.19 7.76
CA TYR A 95 -42.30 34.59 6.81
C TYR A 95 -41.17 35.38 7.47
N VAL A 96 -41.28 35.69 8.75
CA VAL A 96 -40.42 36.66 9.38
C VAL A 96 -39.86 36.12 10.74
N GLU A 97 -38.76 36.72 11.18
CA GLU A 97 -38.18 36.46 12.44
C GLU A 97 -38.83 37.35 13.47
N LEU A 98 -39.34 36.73 14.53
CA LEU A 98 -40.02 37.48 15.56
C LEU A 98 -39.19 37.73 16.80
N GLN A 99 -37.99 37.12 16.91
CA GLN A 99 -37.21 37.32 18.11
C GLN A 99 -35.72 37.57 17.94
N ASP A 100 -35.42 38.31 16.90
CA ASP A 100 -34.10 38.84 16.74
C ASP A 100 -33.98 40.11 17.60
N PRO A 101 -32.78 40.40 18.08
CA PRO A 101 -32.67 41.69 18.77
C PRO A 101 -33.24 42.92 17.96
N VAL A 102 -33.71 43.94 18.68
CA VAL A 102 -34.34 45.06 18.03
C VAL A 102 -33.24 45.82 17.32
N THR A 103 -33.48 46.27 16.08
CA THR A 103 -32.43 46.95 15.33
C THR A 103 -32.59 48.42 15.49
N ARG A 104 -31.57 49.18 15.13
CA ARG A 104 -31.65 50.62 15.27
C ARG A 104 -32.76 51.28 14.39
N THR A 105 -32.96 50.75 13.21
CA THR A 105 -34.05 51.14 12.29
C THR A 105 -35.34 50.89 12.97
N GLN A 106 -35.52 49.69 13.52
CA GLN A 106 -36.71 49.35 14.30
C GLN A 106 -36.91 50.29 15.46
N LEU A 107 -35.86 50.74 16.14
CA LEU A 107 -36.08 51.56 17.29
C LEU A 107 -36.57 52.94 16.90
N ARG A 108 -35.96 53.48 15.84
CA ARG A 108 -36.36 54.77 15.27
C ARG A 108 -37.76 54.77 14.76
N ALA A 109 -38.18 53.68 14.18
CA ALA A 109 -39.53 53.61 13.67
C ALA A 109 -40.46 53.68 14.86
N MET A 110 -40.15 52.95 15.94
CA MET A 110 -41.02 52.99 17.11
C MET A 110 -40.99 54.38 17.77
N ALA A 111 -39.83 54.97 17.86
CA ALA A 111 -39.74 56.25 18.54
C ALA A 111 -40.69 57.27 17.85
N ALA A 112 -40.70 57.22 16.54
CA ALA A 112 -41.42 58.14 15.69
C ALA A 112 -42.96 57.99 15.81
N LYS A 113 -43.43 56.82 16.27
CA LYS A 113 -44.83 56.58 16.48
C LYS A 113 -45.21 56.64 17.92
N THR A 114 -44.35 57.14 18.78
CA THR A 114 -44.61 57.13 20.18
C THR A 114 -45.10 58.51 20.65
N VAL A 115 -46.24 58.53 21.33
CA VAL A 115 -46.89 59.76 21.74
C VAL A 115 -46.87 60.03 23.27
N ALA A 116 -46.32 59.11 24.05
CA ALA A 116 -45.95 59.27 25.49
C ALA A 116 -44.48 59.74 25.54
N PRO A 117 -44.26 61.02 25.78
CA PRO A 117 -42.87 61.54 25.67
C PRO A 117 -41.77 60.79 26.45
N PRO A 118 -41.98 60.46 27.73
CA PRO A 118 -40.89 59.73 28.40
C PRO A 118 -40.59 58.39 27.75
N HIS A 119 -41.56 57.82 27.06
CA HIS A 119 -41.34 56.56 26.43
C HIS A 119 -40.56 56.78 25.15
N LYS A 120 -40.66 57.95 24.57
CA LYS A 120 -39.87 58.19 23.37
C LYS A 120 -38.41 58.42 23.79
N VAL A 121 -38.20 59.15 24.87
CA VAL A 121 -36.88 59.35 25.39
C VAL A 121 -36.20 57.97 25.69
N GLU A 122 -36.90 57.02 26.27
CA GLU A 122 -36.30 55.77 26.53
C GLU A 122 -35.95 55.02 25.27
N LEU A 123 -36.84 54.96 24.30
CA LEU A 123 -36.49 54.21 23.09
C LEU A 123 -35.25 54.82 22.38
N GLU A 124 -35.13 56.11 22.41
CA GLU A 124 -34.01 56.80 21.84
C GLU A 124 -32.73 56.61 22.63
N ALA A 125 -32.85 56.56 23.95
CA ALA A 125 -31.71 56.20 24.79
C ALA A 125 -31.09 54.93 24.27
N LEU A 126 -31.89 53.98 23.83
CA LEU A 126 -31.38 52.68 23.39
C LEU A 126 -30.53 52.71 22.08
N LEU A 127 -30.49 53.88 21.46
CA LEU A 127 -29.81 54.00 20.19
C LEU A 127 -28.36 54.26 20.45
N GLU A 128 -28.00 54.69 21.66
CA GLU A 128 -26.61 55.06 21.94
C GLU A 128 -25.81 53.81 21.99
N LYS A 129 -24.53 53.96 21.62
CA LYS A 129 -23.61 52.83 21.36
C LYS A 129 -23.53 51.88 22.53
N GLN A 130 -23.35 52.43 23.71
CA GLN A 130 -23.19 51.64 24.90
C GLN A 130 -24.48 50.92 25.32
N ALA A 131 -25.57 51.69 25.46
CA ALA A 131 -26.91 51.12 25.76
C ALA A 131 -27.34 50.09 24.78
N TYR A 132 -27.07 50.32 23.51
CA TYR A 132 -27.46 49.38 22.51
C TYR A 132 -26.73 48.06 22.74
N LYS A 133 -25.42 48.09 22.99
CA LYS A 133 -24.65 46.88 23.27
C LYS A 133 -25.15 46.22 24.56
N GLU A 134 -25.27 47.00 25.62
CA GLU A 134 -25.55 46.39 26.91
C GLU A 134 -27.01 46.00 27.13
N GLN A 135 -27.96 46.82 26.66
CA GLN A 135 -29.39 46.53 26.92
C GLN A 135 -30.12 45.87 25.76
N VAL A 136 -29.70 46.12 24.55
CA VAL A 136 -30.32 45.45 23.45
C VAL A 136 -29.57 44.18 23.11
N LEU A 137 -28.32 44.30 22.66
CA LEU A 137 -27.63 43.09 22.14
C LEU A 137 -27.32 42.06 23.24
N ALA A 138 -26.74 42.49 24.35
CA ALA A 138 -26.45 41.52 25.45
C ALA A 138 -27.67 40.71 25.95
N LYS A 139 -28.88 41.29 25.92
CA LYS A 139 -30.05 40.63 26.48
C LYS A 139 -30.99 40.16 25.42
N ARG A 140 -30.64 40.38 24.18
CA ARG A 140 -31.50 39.99 23.09
C ARG A 140 -32.97 40.50 23.20
N LEU A 141 -33.05 41.80 23.45
CA LEU A 141 -34.28 42.52 23.61
C LEU A 141 -34.87 42.70 22.20
N THR A 142 -36.11 42.25 21.97
CA THR A 142 -36.74 42.30 20.65
C THR A 142 -37.72 43.48 20.42
N MET A 143 -38.09 43.75 19.16
CA MET A 143 -39.07 44.78 18.81
C MET A 143 -40.41 44.41 19.44
N LEU A 144 -40.82 43.16 19.29
CA LEU A 144 -42.02 42.62 19.91
C LEU A 144 -42.13 42.86 21.41
N GLU A 145 -41.05 42.59 22.16
CA GLU A 145 -41.06 42.82 23.58
C GLU A 145 -41.16 44.33 23.85
N LEU A 146 -40.59 45.16 23.00
CA LEU A 146 -40.72 46.62 23.23
C LEU A 146 -42.12 47.15 22.85
N LEU A 147 -42.73 46.61 21.81
CA LEU A 147 -44.11 46.92 21.50
C LEU A 147 -45.01 46.49 22.66
N GLU A 148 -44.74 45.36 23.30
CA GLU A 148 -45.58 44.93 24.46
C GLU A 148 -45.37 45.83 25.67
N LYS A 149 -44.14 46.22 25.88
CA LYS A 149 -43.84 47.18 26.89
C LYS A 149 -44.50 48.53 26.57
N TYR A 150 -44.64 48.90 25.30
CA TYR A 150 -45.18 50.26 24.95
C TYR A 150 -46.46 50.20 24.15
N PRO A 151 -47.57 49.89 24.81
CA PRO A 151 -48.84 49.71 24.10
C PRO A 151 -49.34 50.99 23.41
N ALA A 152 -48.85 52.15 23.80
CA ALA A 152 -49.23 53.36 23.08
C ALA A 152 -48.11 53.83 22.14
N CYS A 153 -47.51 52.87 21.46
CA CYS A 153 -46.63 53.19 20.36
C CYS A 153 -47.51 52.87 19.17
N GLU A 154 -47.75 53.82 18.29
CA GLU A 154 -48.86 53.68 17.32
C GLU A 154 -48.43 52.95 16.05
N MET A 155 -47.44 52.09 16.19
CA MET A 155 -46.96 51.41 15.04
C MET A 155 -48.08 50.45 14.73
N LYS A 156 -48.16 50.15 13.46
CA LYS A 156 -49.20 49.34 12.96
C LYS A 156 -48.64 48.08 12.36
N PHE A 157 -49.52 47.11 12.20
CA PHE A 157 -49.09 45.81 11.84
C PHE A 157 -48.29 45.78 10.57
N SER A 158 -48.75 46.49 9.58
CA SER A 158 -48.17 46.37 8.28
C SER A 158 -46.82 47.03 8.25
N GLU A 159 -46.57 47.97 9.15
CA GLU A 159 -45.25 48.57 9.27
C GLU A 159 -44.33 47.60 10.09
N PHE A 160 -44.89 46.85 11.02
CA PHE A 160 -44.17 45.92 11.83
C PHE A 160 -43.58 44.84 10.97
N ILE A 161 -44.45 44.19 10.22
CA ILE A 161 -44.14 43.07 9.45
C ILE A 161 -43.04 43.47 8.48
N ALA A 162 -43.12 44.64 7.91
CA ALA A 162 -42.19 45.07 6.87
C ALA A 162 -40.81 45.42 7.42
N LEU A 163 -40.71 45.67 8.71
CA LEU A 163 -39.42 46.07 9.30
C LEU A 163 -38.58 44.83 9.80
N LEU A 164 -39.16 43.65 9.67
CA LEU A 164 -38.61 42.42 10.24
C LEU A 164 -37.77 41.69 9.24
N PRO A 165 -36.83 40.91 9.74
CA PRO A 165 -36.05 40.11 8.82
C PRO A 165 -36.76 38.86 8.40
N SER A 166 -36.40 38.42 7.23
CA SER A 166 -36.88 37.18 6.66
C SER A 166 -36.51 35.95 7.51
N ILE A 167 -37.39 34.95 7.55
CA ILE A 167 -37.14 33.81 8.39
C ILE A 167 -35.96 33.01 7.87
N ARG A 168 -35.06 32.61 8.76
CA ARG A 168 -33.80 31.96 8.37
C ARG A 168 -33.88 30.50 8.63
N PRO A 169 -33.21 29.71 7.85
CA PRO A 169 -33.11 28.30 8.15
C PRO A 169 -32.19 27.98 9.34
N ARG A 170 -32.44 26.84 9.96
CA ARG A 170 -31.60 26.34 11.02
C ARG A 170 -30.96 25.03 10.58
N TYR A 171 -29.67 24.87 10.92
CA TYR A 171 -28.92 23.69 10.51
C TYR A 171 -28.81 22.68 11.61
N TYR A 172 -29.04 21.43 11.24
CA TYR A 172 -28.85 20.31 12.12
C TYR A 172 -27.93 19.18 11.51
N SER A 173 -27.01 18.70 12.30
CA SER A 173 -26.06 17.69 11.85
C SER A 173 -26.77 16.40 11.73
N ILE A 174 -26.89 15.90 10.51
CA ILE A 174 -27.54 14.61 10.28
C ILE A 174 -26.88 13.48 11.12
N SER A 175 -27.69 12.83 11.94
CA SER A 175 -27.22 11.81 12.83
C SER A 175 -27.43 10.34 12.35
N SER A 176 -27.41 10.14 11.06
CA SER A 176 -27.58 8.79 10.57
C SER A 176 -26.64 8.66 9.38
N SER A 177 -26.41 7.42 8.94
CA SER A 177 -25.62 7.16 7.74
C SER A 177 -26.49 6.81 6.55
N PRO A 178 -26.19 7.31 5.38
CA PRO A 178 -26.90 6.88 4.19
C PRO A 178 -26.61 5.43 3.78
N ARG A 179 -25.56 4.84 4.32
CA ARG A 179 -25.28 3.43 4.08
C ARG A 179 -26.33 2.56 4.71
N VAL A 180 -27.14 3.06 5.65
CA VAL A 180 -28.23 2.22 6.19
C VAL A 180 -29.55 2.43 5.42
N ASP A 181 -29.90 3.68 5.09
CA ASP A 181 -31.09 3.96 4.25
C ASP A 181 -30.86 5.29 3.53
N GLU A 182 -30.64 5.23 2.22
CA GLU A 182 -30.25 6.41 1.46
C GLU A 182 -31.33 7.52 1.52
N LYS A 183 -32.59 7.11 1.61
CA LYS A 183 -33.73 8.00 1.54
C LYS A 183 -34.34 8.28 2.94
N GLN A 184 -33.57 8.08 4.00
CA GLN A 184 -34.05 8.49 5.32
C GLN A 184 -32.96 9.09 6.22
N ALA A 185 -33.23 10.22 6.87
CA ALA A 185 -32.19 10.95 7.62
C ALA A 185 -32.67 11.32 8.98
N SER A 186 -31.77 11.37 9.94
CA SER A 186 -32.17 11.65 11.28
C SER A 186 -31.43 12.90 11.77
N ILE A 187 -32.00 13.56 12.79
CA ILE A 187 -31.38 14.73 13.34
C ILE A 187 -31.58 14.63 14.81
N THR A 188 -30.80 15.40 15.58
CA THR A 188 -30.75 15.30 17.01
C THR A 188 -30.71 16.70 17.55
N VAL A 189 -31.80 17.10 18.22
CA VAL A 189 -32.12 18.51 18.38
C VAL A 189 -32.28 18.90 19.80
N SER A 190 -31.35 19.66 20.32
CA SER A 190 -31.51 20.11 21.69
C SER A 190 -32.57 21.29 21.74
N VAL A 191 -33.51 21.22 22.69
CA VAL A 191 -34.61 22.13 22.71
C VAL A 191 -34.28 23.36 23.51
N VAL A 192 -34.21 24.52 22.84
CA VAL A 192 -33.85 25.77 23.50
C VAL A 192 -35.07 26.32 24.25
N SER A 193 -34.82 26.58 25.51
CA SER A 193 -35.85 26.95 26.43
C SER A 193 -35.25 27.47 27.74
N GLY A 194 -35.86 28.51 28.32
CA GLY A 194 -35.34 29.13 29.56
C GLY A 194 -36.07 30.43 29.88
N GLU A 195 -35.60 31.15 30.86
CA GLU A 195 -36.11 32.46 31.13
C GLU A 195 -35.41 33.38 30.12
N ALA A 196 -36.19 34.21 29.41
CA ALA A 196 -35.64 35.16 28.47
C ALA A 196 -34.62 36.07 29.10
N TRP A 197 -33.46 36.20 28.48
CA TRP A 197 -32.45 37.12 29.01
C TRP A 197 -32.96 38.58 29.00
N SER A 198 -33.95 38.87 28.17
CA SER A 198 -34.52 40.21 28.11
C SER A 198 -35.32 40.53 29.38
N GLY A 199 -35.78 39.49 30.07
CA GLY A 199 -36.63 39.68 31.28
C GLY A 199 -38.13 39.52 30.94
N TYR A 200 -38.48 39.32 29.69
CA TYR A 200 -39.89 39.21 29.35
C TYR A 200 -40.29 37.79 29.28
N GLY A 201 -40.55 37.20 30.43
CA GLY A 201 -41.12 35.86 30.52
C GLY A 201 -40.18 34.75 30.04
N GLU A 202 -40.81 33.73 29.47
CA GLU A 202 -40.19 32.50 29.06
C GLU A 202 -39.78 32.57 27.52
N TYR A 203 -38.54 32.19 27.23
CA TYR A 203 -37.95 32.09 25.93
C TYR A 203 -38.03 30.68 25.35
N LYS A 204 -38.44 30.57 24.08
CA LYS A 204 -38.35 29.31 23.31
C LYS A 204 -37.66 29.55 21.96
N GLY A 205 -36.68 28.71 21.64
CA GLY A 205 -35.91 28.84 20.38
C GLY A 205 -36.81 28.46 19.25
N ILE A 206 -36.81 29.23 18.17
CA ILE A 206 -37.82 29.02 17.15
C ILE A 206 -37.76 27.63 16.53
N ALA A 207 -36.67 27.26 15.86
CA ALA A 207 -36.68 25.97 15.11
C ALA A 207 -36.70 24.80 16.05
N SER A 208 -36.00 24.92 17.15
CA SER A 208 -35.87 23.74 18.00
C SER A 208 -37.21 23.35 18.59
N ASN A 209 -38.03 24.35 18.94
CA ASN A 209 -39.40 24.06 19.51
C ASN A 209 -40.35 23.70 18.40
N TYR A 210 -40.16 24.23 17.23
CA TYR A 210 -40.96 23.76 16.10
C TYR A 210 -40.69 22.25 15.87
N LEU A 211 -39.41 21.92 15.74
CA LEU A 211 -39.05 20.52 15.57
C LEU A 211 -39.56 19.64 16.73
N ALA A 212 -39.46 20.11 17.96
CA ALA A 212 -39.88 19.34 19.11
C ALA A 212 -41.33 19.01 19.10
N GLU A 213 -42.13 19.83 18.42
CA GLU A 213 -43.59 19.62 18.48
C GLU A 213 -44.09 18.83 17.30
N LEU A 214 -43.26 18.55 16.30
CA LEU A 214 -43.73 17.76 15.14
C LEU A 214 -43.98 16.34 15.53
N GLN A 215 -44.84 15.67 14.76
CA GLN A 215 -45.19 14.24 14.99
C GLN A 215 -45.18 13.45 13.73
N GLU A 216 -45.17 12.12 13.88
CA GLU A 216 -45.21 11.25 12.67
C GLU A 216 -46.33 11.72 11.73
N GLY A 217 -46.02 11.89 10.46
CA GLY A 217 -47.00 12.28 9.41
C GLY A 217 -47.07 13.78 9.12
N ASP A 218 -46.43 14.58 9.96
CA ASP A 218 -46.38 16.01 9.71
C ASP A 218 -45.43 16.23 8.58
N THR A 219 -45.54 17.36 7.91
CA THR A 219 -44.63 17.70 6.86
C THR A 219 -43.63 18.74 7.36
N ILE A 220 -42.57 18.93 6.60
CA ILE A 220 -41.45 19.73 7.06
C ILE A 220 -40.77 20.14 5.81
N THR A 221 -40.28 21.36 5.80
CA THR A 221 -39.58 21.90 4.65
C THR A 221 -38.14 22.03 4.98
N CYS A 222 -37.31 21.35 4.19
CA CYS A 222 -35.88 21.34 4.42
C CYS A 222 -35.08 21.14 3.16
N PHE A 223 -33.78 21.20 3.31
CA PHE A 223 -32.86 20.89 2.27
C PHE A 223 -31.61 20.29 2.88
N ILE A 224 -30.82 19.62 2.05
CA ILE A 224 -29.51 19.09 2.45
C ILE A 224 -28.46 20.15 2.23
N SER A 225 -27.59 20.34 3.19
CA SER A 225 -26.51 21.31 3.09
C SER A 225 -25.19 20.57 3.39
N THR A 226 -24.16 20.82 2.57
CA THR A 226 -22.86 20.19 2.82
C THR A 226 -21.92 21.29 3.26
N PRO A 227 -21.25 21.12 4.39
CA PRO A 227 -20.40 22.19 4.92
C PRO A 227 -19.11 22.33 4.16
N GLN A 228 -18.58 23.57 4.12
CA GLN A 228 -17.32 23.90 3.39
C GLN A 228 -16.21 23.03 4.02
N SER A 229 -16.13 23.01 5.35
CA SER A 229 -15.23 22.10 6.09
C SER A 229 -15.74 20.61 6.09
N GLU A 230 -15.15 19.77 5.25
CA GLU A 230 -15.40 18.31 5.22
C GLU A 230 -15.40 17.68 6.63
N PHE A 231 -16.34 16.81 6.91
CA PHE A 231 -16.45 16.20 8.22
C PHE A 231 -16.84 14.78 7.95
N THR A 232 -15.90 14.01 7.41
CA THR A 232 -16.17 12.63 7.01
C THR A 232 -15.12 11.67 7.53
N LEU A 233 -15.51 10.40 7.51
CA LEU A 233 -14.66 9.32 7.96
C LEU A 233 -13.48 9.22 7.00
N PRO A 234 -12.33 8.72 7.47
CA PRO A 234 -11.25 8.46 6.54
C PRO A 234 -11.71 7.50 5.43
N LYS A 235 -11.07 7.60 4.30
CA LYS A 235 -11.29 6.68 3.18
C LYS A 235 -11.02 5.20 3.59
N ASP A 236 -9.96 4.96 4.37
CA ASP A 236 -9.59 3.61 4.83
C ASP A 236 -10.16 3.36 6.23
N PRO A 237 -11.00 2.34 6.36
CA PRO A 237 -11.62 2.02 7.64
C PRO A 237 -10.69 1.50 8.73
N GLU A 238 -9.44 1.19 8.41
CA GLU A 238 -8.48 0.89 9.46
C GLU A 238 -7.79 2.15 10.00
N THR A 239 -7.94 3.30 9.34
CA THR A 239 -7.36 4.51 9.91
C THR A 239 -8.12 4.78 11.22
N PRO A 240 -7.42 4.90 12.35
CA PRO A 240 -7.92 5.27 13.64
C PRO A 240 -8.57 6.65 13.73
N LEU A 241 -9.62 6.76 14.56
CA LEU A 241 -10.45 7.95 14.76
C LEU A 241 -10.51 8.28 16.22
N ILE A 242 -10.47 9.56 16.56
CA ILE A 242 -10.85 10.06 17.88
C ILE A 242 -11.97 11.10 17.63
N MET A 243 -13.05 10.95 18.33
CA MET A 243 -14.27 11.70 18.22
C MET A 243 -14.63 12.29 19.56
N VAL A 244 -14.86 13.60 19.62
CA VAL A 244 -15.31 14.22 20.83
C VAL A 244 -16.61 14.99 20.56
N GLY A 245 -17.63 14.62 21.26
CA GLY A 245 -18.97 14.98 20.93
C GLY A 245 -19.94 14.82 22.07
N PRO A 246 -19.79 15.61 23.12
CA PRO A 246 -20.69 15.67 24.21
C PRO A 246 -22.02 16.34 23.89
N GLY A 247 -23.07 15.78 24.50
CA GLY A 247 -24.41 16.32 24.39
C GLY A 247 -24.87 16.00 23.00
N THR A 248 -25.52 16.98 22.37
CA THR A 248 -26.04 16.86 21.03
C THR A 248 -24.87 16.80 20.10
N GLY A 249 -23.69 17.15 20.56
CA GLY A 249 -22.51 16.93 19.76
C GLY A 249 -22.29 15.49 19.28
N VAL A 250 -22.88 14.50 19.95
CA VAL A 250 -22.82 13.16 19.46
C VAL A 250 -23.43 12.95 18.11
N ALA A 251 -24.22 13.90 17.68
CA ALA A 251 -25.08 13.71 16.51
C ALA A 251 -24.33 13.12 15.33
N PRO A 252 -23.37 13.84 14.78
CA PRO A 252 -22.71 13.32 13.58
C PRO A 252 -21.95 12.04 13.84
N PHE A 253 -21.46 11.86 15.05
CA PHE A 253 -20.82 10.60 15.33
C PHE A 253 -21.77 9.42 15.34
N ARG A 254 -23.06 9.65 15.43
CA ARG A 254 -24.00 8.51 15.37
C ARG A 254 -24.05 8.06 13.95
N GLY A 255 -24.02 8.99 13.03
CA GLY A 255 -23.83 8.63 11.62
C GLY A 255 -22.50 7.86 11.37
N PHE A 256 -21.38 8.31 11.94
CA PHE A 256 -20.09 7.63 11.76
C PHE A 256 -20.24 6.18 12.25
N VAL A 257 -20.90 6.01 13.38
CA VAL A 257 -21.03 4.69 13.99
C VAL A 257 -21.85 3.78 13.15
N GLN A 258 -22.90 4.31 12.59
CA GLN A 258 -23.72 3.52 11.72
C GLN A 258 -22.99 3.17 10.46
N ALA A 259 -22.10 4.04 9.99
CA ALA A 259 -21.38 3.74 8.76
C ALA A 259 -20.37 2.56 9.01
N ARG A 260 -19.62 2.68 10.08
CA ARG A 260 -18.63 1.70 10.36
C ARG A 260 -19.31 0.35 10.52
N LYS A 261 -20.45 0.32 11.23
CA LYS A 261 -21.23 -0.90 11.43
C LYS A 261 -21.63 -1.55 10.12
N GLN A 262 -22.02 -0.79 9.12
CA GLN A 262 -22.29 -1.42 7.82
C GLN A 262 -21.05 -1.93 7.13
N LEU A 263 -19.93 -1.23 7.29
CA LEU A 263 -18.73 -1.60 6.58
C LEU A 263 -18.28 -2.91 7.14
N LYS A 264 -18.34 -3.09 8.44
CA LYS A 264 -18.05 -4.38 9.05
C LYS A 264 -18.94 -5.48 8.45
N GLU A 265 -20.26 -5.29 8.54
CA GLU A 265 -21.19 -6.25 7.95
C GLU A 265 -20.87 -6.56 6.46
N GLN A 266 -20.10 -5.71 5.77
CA GLN A 266 -19.66 -6.01 4.40
C GLN A 266 -18.21 -6.60 4.35
N GLY A 267 -17.74 -7.11 5.48
CA GLY A 267 -16.40 -7.70 5.57
C GLY A 267 -15.17 -6.78 5.69
N GLN A 268 -15.37 -5.47 5.74
CA GLN A 268 -14.23 -4.59 5.94
C GLN A 268 -13.78 -4.65 7.37
N SER A 269 -12.50 -4.49 7.59
CA SER A 269 -11.93 -4.55 8.94
C SER A 269 -11.90 -3.13 9.42
N LEU A 270 -12.11 -2.92 10.70
CA LEU A 270 -12.13 -1.58 11.28
C LEU A 270 -10.99 -1.43 12.28
N GLY A 271 -10.41 -0.24 12.32
CA GLY A 271 -9.40 0.09 13.32
C GLY A 271 -9.99 0.63 14.58
N GLU A 272 -9.14 1.11 15.44
CA GLU A 272 -9.57 1.78 16.63
C GLU A 272 -10.47 3.03 16.35
N ALA A 273 -11.49 3.25 17.19
CA ALA A 273 -12.34 4.49 17.15
C ALA A 273 -12.81 4.86 18.55
N HIS A 274 -12.24 5.90 19.14
CA HIS A 274 -12.57 6.36 20.47
C HIS A 274 -13.64 7.47 20.41
N LEU A 275 -14.74 7.28 21.13
CA LEU A 275 -15.80 8.29 21.23
C LEU A 275 -15.84 8.82 22.66
N TYR A 276 -15.44 10.09 22.82
CA TYR A 276 -15.56 10.79 24.07
C TYR A 276 -16.95 11.49 24.17
N PHE A 277 -17.80 10.99 25.06
CA PHE A 277 -19.15 11.51 25.19
C PHE A 277 -19.30 12.03 26.59
N GLY A 278 -20.03 13.12 26.75
CA GLY A 278 -20.15 13.76 28.05
C GLY A 278 -21.58 14.17 28.16
N CYS A 279 -22.10 14.14 29.37
CA CYS A 279 -23.44 14.59 29.68
C CYS A 279 -23.59 14.76 31.20
N ARG A 280 -24.78 15.18 31.65
CA ARG A 280 -24.99 15.45 33.09
C ARG A 280 -24.98 14.15 33.82
N SER A 281 -25.72 13.20 33.30
CA SER A 281 -25.97 11.97 34.02
C SER A 281 -26.59 10.93 33.12
N PRO A 282 -26.32 9.65 33.39
CA PRO A 282 -27.04 8.55 32.76
C PRO A 282 -28.50 8.47 33.21
N HIS A 283 -28.84 9.15 34.29
CA HIS A 283 -30.22 9.20 34.76
C HIS A 283 -30.98 10.31 33.99
N GLU A 284 -30.36 11.00 33.04
CA GLU A 284 -30.92 12.25 32.51
C GLU A 284 -30.77 12.38 30.98
N ASP A 285 -29.53 12.62 30.49
CA ASP A 285 -29.25 13.01 29.08
C ASP A 285 -28.16 12.22 28.32
N TYR A 286 -28.06 10.92 28.60
CA TYR A 286 -27.05 10.06 27.96
C TYR A 286 -27.72 9.56 26.73
N LEU A 287 -27.71 10.41 25.71
CA LEU A 287 -28.35 10.16 24.42
C LEU A 287 -27.77 8.94 23.74
N TYR A 288 -28.64 8.16 23.12
CA TYR A 288 -28.35 6.97 22.41
C TYR A 288 -27.50 5.98 23.25
N GLN A 289 -27.65 5.97 24.56
CA GLN A 289 -26.84 5.05 25.37
C GLN A 289 -26.86 3.59 24.86
N GLU A 290 -28.03 3.07 24.59
CA GLU A 290 -28.18 1.69 24.22
C GLU A 290 -27.41 1.43 22.93
N GLU A 291 -27.65 2.24 21.91
CA GLU A 291 -26.93 2.10 20.64
C GLU A 291 -25.42 2.18 20.79
N LEU A 292 -24.94 3.07 21.65
CA LEU A 292 -23.53 3.34 21.72
C LEU A 292 -22.88 2.20 22.49
N GLU A 293 -23.53 1.75 23.56
CA GLU A 293 -23.08 0.54 24.28
C GLU A 293 -23.11 -0.69 23.36
N ASN A 294 -24.13 -0.86 22.53
CA ASN A 294 -24.13 -1.98 21.60
C ASN A 294 -22.96 -1.85 20.62
N ALA A 295 -22.82 -0.68 19.97
CA ALA A 295 -21.70 -0.46 19.08
C ALA A 295 -20.36 -0.89 19.73
N GLN A 296 -20.16 -0.55 20.99
CA GLN A 296 -18.95 -0.80 21.62
C GLN A 296 -18.73 -2.33 21.79
N SER A 297 -19.77 -3.03 22.22
CA SER A 297 -19.87 -4.49 22.25
C SER A 297 -19.58 -5.16 20.93
N GLU A 298 -19.99 -4.56 19.80
CA GLU A 298 -19.65 -5.16 18.51
C GLU A 298 -18.28 -4.69 17.99
N GLY A 299 -17.45 -4.10 18.85
CA GLY A 299 -16.17 -3.54 18.41
C GLY A 299 -16.16 -2.39 17.40
N ILE A 300 -17.26 -1.67 17.27
CA ILE A 300 -17.33 -0.55 16.32
C ILE A 300 -16.70 0.69 16.96
N ILE A 301 -16.70 0.78 18.28
CA ILE A 301 -16.10 1.93 18.97
C ILE A 301 -15.67 1.56 20.34
N THR A 302 -14.77 2.31 20.90
CA THR A 302 -14.49 2.31 22.30
C THR A 302 -15.06 3.61 22.92
N LEU A 303 -15.80 3.50 24.02
CA LEU A 303 -16.66 4.55 24.48
C LEU A 303 -16.09 5.06 25.72
N HIS A 304 -15.92 6.39 25.83
CA HIS A 304 -15.43 6.98 27.08
C HIS A 304 -16.40 8.05 27.50
N THR A 305 -16.94 7.94 28.71
CA THR A 305 -17.95 8.87 29.15
C THR A 305 -17.43 9.78 30.23
N ALA A 306 -18.02 10.99 30.30
CA ALA A 306 -17.76 11.91 31.40
C ALA A 306 -19.13 12.46 31.88
N PHE A 307 -19.35 12.49 33.20
CA PHE A 307 -20.60 12.96 33.79
C PHE A 307 -20.31 14.12 34.69
N SER A 308 -21.01 15.20 34.43
CA SER A 308 -20.87 16.45 35.21
C SER A 308 -21.60 16.46 36.54
N ARG A 309 -22.64 15.67 36.71
CA ARG A 309 -23.52 15.87 37.87
C ARG A 309 -23.92 14.54 38.52
N MET A 310 -22.99 13.62 38.71
CA MET A 310 -23.32 12.37 39.40
C MET A 310 -23.04 12.58 40.86
N PRO A 311 -24.03 12.25 41.70
CA PRO A 311 -23.80 12.44 43.12
C PRO A 311 -22.59 11.62 43.57
N ASN A 312 -21.74 12.22 44.39
CA ASN A 312 -20.57 11.56 45.01
C ASN A 312 -19.36 11.32 44.08
N GLN A 313 -19.44 11.88 42.88
CA GLN A 313 -18.34 11.91 41.87
C GLN A 313 -17.88 13.33 41.60
N PRO A 314 -16.61 13.54 41.21
CA PRO A 314 -16.20 14.90 40.75
C PRO A 314 -16.90 15.25 39.47
N LYS A 315 -17.17 16.53 39.25
CA LYS A 315 -17.71 17.01 37.99
C LYS A 315 -16.66 16.67 36.90
N THR A 316 -17.05 15.86 35.90
CA THR A 316 -16.14 15.41 34.88
C THR A 316 -16.60 15.83 33.47
N TYR A 317 -15.66 16.37 32.72
CA TYR A 317 -15.89 16.69 31.32
C TYR A 317 -14.95 15.92 30.41
N VAL A 318 -15.32 15.85 29.14
CA VAL A 318 -14.56 15.05 28.21
C VAL A 318 -13.12 15.44 28.20
N GLN A 319 -12.82 16.70 28.24
CA GLN A 319 -11.42 17.05 28.24
C GLN A 319 -10.63 16.49 29.44
N HIS A 320 -11.27 16.24 30.57
CA HIS A 320 -10.56 15.62 31.70
C HIS A 320 -10.21 14.17 31.43
N VAL A 321 -11.15 13.47 30.81
CA VAL A 321 -10.90 12.14 30.40
C VAL A 321 -9.82 12.07 29.29
N MET A 322 -9.94 12.94 28.29
CA MET A 322 -8.94 13.01 27.26
C MET A 322 -7.58 13.20 27.86
N GLU A 323 -7.46 14.08 28.82
CA GLU A 323 -6.17 14.35 29.42
C GLU A 323 -5.58 13.11 30.13
N GLN A 324 -6.42 12.33 30.83
CA GLN A 324 -5.95 11.05 31.41
C GLN A 324 -5.38 10.15 30.31
N ASP A 325 -6.04 10.15 29.14
CA ASP A 325 -5.72 9.29 27.99
C ASP A 325 -4.70 9.92 27.02
N GLY A 326 -4.12 11.01 27.41
CA GLY A 326 -3.20 11.78 26.54
C GLY A 326 -2.20 10.97 25.73
N LYS A 327 -1.53 10.05 26.42
CA LYS A 327 -0.42 9.26 25.87
C LYS A 327 -0.91 8.45 24.72
N LYS A 328 -2.03 7.78 24.97
CA LYS A 328 -2.59 6.95 23.99
C LYS A 328 -3.15 7.73 22.85
N LEU A 329 -3.78 8.87 23.14
CA LEU A 329 -4.44 9.60 22.08
C LEU A 329 -3.39 10.20 21.19
N ILE A 330 -2.33 10.73 21.79
CA ILE A 330 -1.24 11.28 20.99
C ILE A 330 -0.49 10.20 20.19
N GLU A 331 -0.30 8.98 20.71
CA GLU A 331 0.30 7.92 19.88
C GLU A 331 -0.53 7.64 18.70
N LEU A 332 -1.82 7.67 18.87
CA LEU A 332 -2.74 7.38 17.78
C LEU A 332 -2.64 8.43 16.72
N LEU A 333 -2.53 9.69 17.14
CA LEU A 333 -2.43 10.75 16.15
C LEU A 333 -1.08 10.68 15.40
N ASP A 334 -0.02 10.31 16.11
CA ASP A 334 1.24 9.95 15.47
C ASP A 334 1.14 8.80 14.46
N GLN A 335 0.14 7.93 14.51
CA GLN A 335 -0.01 6.81 13.56
C GLN A 335 -1.04 7.10 12.56
N GLY A 336 -1.42 8.36 12.47
CA GLY A 336 -2.28 8.75 11.40
C GLY A 336 -3.74 8.81 11.75
N ALA A 337 -4.10 8.84 13.02
CA ALA A 337 -5.52 9.06 13.39
C ALA A 337 -6.11 10.40 12.82
N HIS A 338 -7.42 10.39 12.52
CA HIS A 338 -8.22 11.65 12.39
C HIS A 338 -8.87 11.99 13.71
N PHE A 339 -8.89 13.27 14.05
CA PHE A 339 -9.55 13.82 15.24
C PHE A 339 -10.72 14.70 14.83
N TYR A 340 -11.85 14.55 15.53
CA TYR A 340 -13.08 15.22 15.25
C TYR A 340 -13.66 15.77 16.54
N ILE A 341 -14.18 17.00 16.49
CA ILE A 341 -14.94 17.60 17.56
C ILE A 341 -16.28 18.06 17.02
N CYS A 342 -17.33 17.84 17.77
CA CYS A 342 -18.68 18.25 17.40
C CYS A 342 -19.40 18.74 18.66
N GLY A 343 -20.34 19.68 18.52
CA GLY A 343 -21.08 20.19 19.69
C GLY A 343 -20.80 21.64 19.90
N ASP A 344 -20.75 22.05 21.15
CA ASP A 344 -20.54 23.41 21.55
C ASP A 344 -19.14 24.01 21.19
N GLY A 345 -19.17 25.03 20.33
CA GLY A 345 -18.01 25.70 19.83
C GLY A 345 -17.55 26.83 20.75
N SER A 346 -18.34 27.22 21.75
CA SER A 346 -17.90 28.43 22.50
C SER A 346 -17.05 28.11 23.67
N GLN A 347 -17.43 27.07 24.41
CA GLN A 347 -16.59 26.63 25.56
C GLN A 347 -15.96 25.23 25.41
N MET A 348 -16.71 24.27 24.89
CA MET A 348 -16.22 22.88 24.94
C MET A 348 -15.05 22.66 23.93
N ALA A 349 -15.29 23.00 22.69
CA ALA A 349 -14.28 22.92 21.65
C ALA A 349 -12.96 23.60 22.03
N PRO A 350 -13.00 24.84 22.48
CA PRO A 350 -11.67 25.40 22.78
C PRO A 350 -10.93 24.70 23.88
N ALA A 351 -11.64 24.21 24.87
CA ALA A 351 -11.01 23.55 25.99
C ALA A 351 -10.43 22.13 25.61
N VAL A 352 -11.15 21.43 24.76
CA VAL A 352 -10.74 20.19 24.15
C VAL A 352 -9.50 20.41 23.32
N GLU A 353 -9.52 21.41 22.48
CA GLU A 353 -8.33 21.78 21.69
C GLU A 353 -7.09 22.08 22.58
N ALA A 354 -7.30 22.79 23.68
CA ALA A 354 -6.23 23.14 24.56
C ALA A 354 -5.69 21.91 25.25
N THR A 355 -6.58 21.00 25.63
CA THR A 355 -6.14 19.77 26.23
C THR A 355 -5.34 18.83 25.22
N LEU A 356 -5.80 18.72 24.00
CA LEU A 356 -5.07 18.01 22.98
C LEU A 356 -3.66 18.58 22.82
N MET A 357 -3.54 19.90 22.72
CA MET A 357 -2.22 20.51 22.52
C MET A 357 -1.34 20.32 23.73
N LYS A 358 -1.94 20.41 24.90
CA LYS A 358 -1.16 20.23 26.08
C LYS A 358 -0.68 18.73 26.21
N SER A 359 -1.54 17.77 25.90
CA SER A 359 -1.12 16.37 25.82
C SER A 359 0.09 16.17 24.88
N TYR A 360 0.09 16.85 23.74
CA TYR A 360 1.17 16.77 22.81
C TYR A 360 2.47 17.25 23.38
N ALA A 361 2.40 18.48 23.90
CA ALA A 361 3.51 19.15 24.58
C ALA A 361 4.16 18.29 25.68
N ASP A 362 3.36 17.62 26.47
CA ASP A 362 3.80 16.83 27.58
C ASP A 362 4.41 15.51 27.12
N VAL A 363 3.76 14.86 26.16
CA VAL A 363 4.22 13.60 25.61
C VAL A 363 5.54 13.74 24.81
N HIS A 364 5.70 14.82 24.02
CA HIS A 364 6.81 14.94 23.09
C HIS A 364 7.84 15.93 23.59
N GLN A 365 7.67 16.38 24.81
CA GLN A 365 8.52 17.36 25.46
C GLN A 365 8.90 18.48 24.52
N VAL A 366 7.87 19.18 24.02
CA VAL A 366 8.06 20.40 23.23
C VAL A 366 7.28 21.60 23.80
N SER A 367 7.54 22.78 23.27
CA SER A 367 6.87 24.00 23.70
C SER A 367 5.41 24.04 23.24
N GLU A 368 4.67 25.01 23.78
CA GLU A 368 3.27 25.24 23.40
C GLU A 368 3.20 25.78 22.00
N ALA A 369 4.20 26.49 21.56
CA ALA A 369 4.24 26.96 20.20
C ALA A 369 4.41 25.76 19.22
N ASP A 370 5.34 24.84 19.54
CA ASP A 370 5.50 23.62 18.70
C ASP A 370 4.18 22.80 18.68
N ALA A 371 3.55 22.64 19.84
CA ALA A 371 2.24 21.97 19.92
C ALA A 371 1.16 22.67 19.08
N ARG A 372 1.22 23.99 19.00
CA ARG A 372 0.25 24.74 18.18
C ARG A 372 0.54 24.58 16.72
N LEU A 373 1.80 24.55 16.34
CA LEU A 373 2.16 24.30 14.95
C LEU A 373 1.78 22.85 14.52
N TRP A 374 1.98 21.89 15.43
CA TRP A 374 1.56 20.52 15.19
C TRP A 374 0.05 20.44 14.84
N LEU A 375 -0.78 21.05 15.66
CA LEU A 375 -2.20 21.11 15.40
C LEU A 375 -2.52 21.82 14.13
N GLN A 376 -1.83 22.92 13.86
CA GLN A 376 -2.04 23.60 12.59
C GLN A 376 -1.76 22.67 11.43
N GLN A 377 -0.69 21.84 11.51
CA GLN A 377 -0.33 20.96 10.42
C GLN A 377 -1.37 19.83 10.29
N LEU A 378 -1.88 19.39 11.43
CA LEU A 378 -2.87 18.34 11.46
C LEU A 378 -4.14 18.78 10.71
N GLU A 379 -4.59 19.96 10.98
CA GLU A 379 -5.72 20.56 10.27
C GLU A 379 -5.43 20.73 8.80
N GLU A 380 -4.24 21.17 8.45
CA GLU A 380 -3.92 21.34 7.02
C GLU A 380 -3.84 20.03 6.26
N LYS A 381 -3.50 18.93 6.94
CA LYS A 381 -3.58 17.56 6.36
C LYS A 381 -4.99 17.01 6.30
N GLY A 382 -5.96 17.73 6.87
CA GLY A 382 -7.30 17.25 6.76
C GLY A 382 -7.59 16.27 7.84
N ARG A 383 -6.86 16.33 8.97
CA ARG A 383 -7.08 15.35 10.01
C ARG A 383 -7.60 15.87 11.30
N TYR A 384 -8.01 17.12 11.31
CA TYR A 384 -8.54 17.73 12.52
C TYR A 384 -9.71 18.54 12.07
N ALA A 385 -10.91 18.01 12.29
CA ALA A 385 -12.16 18.55 11.78
C ALA A 385 -13.09 18.94 12.93
N LYS A 386 -13.85 20.03 12.72
CA LYS A 386 -14.86 20.57 13.65
C LYS A 386 -16.24 20.71 13.04
N ASP A 387 -17.27 20.20 13.73
CA ASP A 387 -18.67 20.49 13.44
C ASP A 387 -19.31 21.13 14.68
N VAL A 388 -18.87 22.30 15.03
CA VAL A 388 -19.29 22.91 16.26
C VAL A 388 -20.17 24.16 15.98
N TRP A 389 -20.92 24.58 16.99
CA TRP A 389 -21.83 25.68 16.84
C TRP A 389 -21.97 26.42 18.15
N ALA A 390 -22.49 27.64 18.05
CA ALA A 390 -22.75 28.48 19.19
C ALA A 390 -24.16 28.17 19.62
N HIS B 2 23.05 -12.90 -28.87
CA HIS B 2 21.72 -12.15 -28.74
C HIS B 2 20.69 -12.12 -29.84
N GLY B 3 19.70 -13.07 -29.93
CA GLY B 3 18.30 -12.68 -30.39
C GLY B 3 17.29 -12.59 -29.21
N ALA B 4 17.64 -11.79 -28.19
CA ALA B 4 17.17 -11.95 -26.82
C ALA B 4 15.76 -11.47 -26.61
N PHE B 5 15.07 -12.00 -25.60
CA PHE B 5 13.74 -11.54 -25.23
C PHE B 5 13.58 -11.52 -23.73
N SER B 6 12.57 -10.83 -23.23
CA SER B 6 12.23 -10.85 -21.82
C SER B 6 11.15 -11.86 -21.61
N THR B 7 11.27 -12.64 -20.54
CA THR B 7 10.23 -13.52 -20.08
C THR B 7 10.28 -13.67 -18.60
N ASN B 8 9.38 -14.51 -18.11
CA ASN B 8 9.24 -14.76 -16.73
C ASN B 8 9.76 -16.08 -16.25
N VAL B 9 10.31 -16.04 -15.06
CA VAL B 9 10.66 -17.24 -14.34
C VAL B 9 9.39 -17.83 -13.78
N VAL B 10 9.01 -19.02 -14.24
CA VAL B 10 7.91 -19.74 -13.61
C VAL B 10 8.31 -20.60 -12.42
N ALA B 11 9.53 -21.07 -12.33
CA ALA B 11 9.98 -21.77 -11.09
C ALA B 11 11.48 -21.64 -10.83
N SER B 12 11.83 -21.64 -9.56
CA SER B 12 13.20 -21.52 -9.11
C SER B 12 13.42 -22.22 -7.78
N LYS B 13 14.35 -23.18 -7.72
CA LYS B 13 14.54 -23.91 -6.49
C LYS B 13 15.83 -24.63 -6.37
N GLU B 14 16.12 -25.12 -5.18
CA GLU B 14 17.37 -25.75 -4.85
C GLU B 14 17.26 -27.21 -5.18
N LEU B 15 18.34 -27.80 -5.69
CA LEU B 15 18.36 -29.21 -6.06
C LEU B 15 19.20 -30.08 -5.12
N GLN B 16 20.12 -29.48 -4.40
CA GLN B 16 20.97 -30.19 -3.41
C GLN B 16 20.29 -30.26 -2.06
N GLN B 17 20.79 -31.18 -1.26
CA GLN B 17 20.12 -31.63 -0.06
C GLN B 17 20.48 -30.66 1.06
N PRO B 18 19.65 -30.59 2.08
CA PRO B 18 19.90 -29.73 3.23
C PRO B 18 21.24 -30.06 3.74
N GLY B 19 22.06 -29.13 4.13
CA GLY B 19 23.34 -29.76 4.64
C GLY B 19 24.44 -29.71 3.63
N SER B 20 24.10 -29.61 2.36
CA SER B 20 25.11 -29.40 1.37
C SER B 20 25.74 -27.99 1.43
N ALA B 21 27.05 -27.93 1.31
CA ALA B 21 27.77 -26.67 1.19
C ALA B 21 27.57 -26.00 -0.16
N ARG B 22 27.04 -26.70 -1.16
CA ARG B 22 27.01 -26.18 -2.52
C ARG B 22 25.59 -26.08 -2.92
N SER B 23 25.33 -25.23 -3.90
CA SER B 23 24.00 -25.04 -4.41
C SER B 23 23.92 -25.30 -5.92
N THR B 24 22.85 -25.95 -6.37
CA THR B 24 22.57 -26.09 -7.77
C THR B 24 21.11 -25.77 -7.89
N ARG B 25 20.79 -24.97 -8.87
CA ARG B 25 19.45 -24.43 -9.01
C ARG B 25 18.70 -25.05 -10.12
N HIS B 26 17.42 -25.22 -9.96
CA HIS B 26 16.58 -25.58 -11.08
C HIS B 26 15.69 -24.41 -11.42
N LEU B 27 15.71 -23.92 -12.65
CA LEU B 27 14.77 -22.86 -13.05
C LEU B 27 13.96 -23.31 -14.18
N GLU B 28 12.77 -22.78 -14.24
CA GLU B 28 11.83 -23.08 -15.26
C GLU B 28 11.50 -21.70 -15.88
N ILE B 29 11.65 -21.56 -17.19
CA ILE B 29 11.49 -20.29 -17.90
C ILE B 29 10.43 -20.40 -18.99
N GLU B 30 9.54 -19.43 -19.03
CA GLU B 30 8.44 -19.44 -20.03
C GLU B 30 8.96 -18.85 -21.30
N LEU B 31 8.65 -19.48 -22.43
CA LEU B 31 9.06 -18.96 -23.71
C LEU B 31 7.87 -18.28 -24.41
N PRO B 32 8.10 -17.14 -25.06
CA PRO B 32 7.01 -16.58 -25.87
C PRO B 32 6.78 -17.36 -27.19
N LYS B 33 5.69 -17.00 -27.87
CA LYS B 33 5.24 -17.61 -29.12
C LYS B 33 6.37 -17.67 -30.15
N GLU B 34 7.15 -16.62 -30.22
CA GLU B 34 8.20 -16.50 -31.23
C GLU B 34 9.37 -17.51 -31.05
N ALA B 35 9.54 -17.95 -29.82
CA ALA B 35 10.72 -18.67 -29.42
C ALA B 35 10.41 -20.15 -29.36
N SER B 36 11.25 -20.95 -29.96
CA SER B 36 11.21 -22.38 -29.81
C SER B 36 12.59 -22.95 -29.46
N TYR B 37 12.60 -24.16 -28.95
CA TYR B 37 13.84 -24.87 -28.65
C TYR B 37 13.80 -26.34 -28.98
N GLN B 38 14.96 -26.94 -29.12
CA GLN B 38 15.10 -28.43 -29.17
C GLN B 38 15.93 -28.97 -28.01
N GLU B 39 15.76 -30.25 -27.68
CA GLU B 39 16.83 -30.98 -26.90
C GLU B 39 18.23 -30.72 -27.50
N GLY B 40 19.15 -30.46 -26.62
CA GLY B 40 20.49 -30.07 -27.02
C GLY B 40 20.71 -28.60 -27.15
N ASP B 41 19.67 -27.79 -27.06
CA ASP B 41 19.84 -26.35 -27.16
C ASP B 41 20.33 -25.74 -25.83
N HIS B 42 20.78 -24.50 -25.90
CA HIS B 42 21.17 -23.83 -24.73
C HIS B 42 20.30 -22.61 -24.53
N LEU B 43 20.12 -22.17 -23.28
CA LEU B 43 19.54 -20.88 -22.97
C LEU B 43 20.71 -19.97 -22.71
N GLY B 44 20.83 -18.90 -23.48
CA GLY B 44 21.80 -17.86 -23.19
C GLY B 44 21.14 -16.82 -22.28
N VAL B 45 21.80 -16.45 -21.21
CA VAL B 45 21.29 -15.53 -20.27
C VAL B 45 22.17 -14.32 -20.23
N ILE B 46 21.57 -13.15 -20.25
CA ILE B 46 22.28 -11.90 -20.06
C ILE B 46 22.23 -11.63 -18.58
N PRO B 47 23.34 -11.77 -17.87
CA PRO B 47 23.25 -11.62 -16.46
C PRO B 47 23.24 -10.16 -16.01
N ARG B 48 22.89 -9.94 -14.75
CA ARG B 48 23.10 -8.68 -14.02
C ARG B 48 24.17 -8.88 -12.98
N ASN B 49 25.00 -7.87 -12.81
CA ASN B 49 25.94 -7.85 -11.71
C ASN B 49 25.24 -7.67 -10.36
N TYR B 50 25.60 -8.44 -9.35
CA TYR B 50 25.01 -8.34 -8.04
C TYR B 50 25.45 -7.08 -7.35
N GLU B 51 24.60 -6.71 -6.41
CA GLU B 51 24.63 -5.45 -5.72
C GLU B 51 25.96 -5.24 -5.08
N GLY B 52 26.47 -6.24 -4.44
CA GLY B 52 27.70 -6.10 -3.72
C GLY B 52 28.86 -5.61 -4.58
N ILE B 53 28.92 -6.04 -5.83
CA ILE B 53 30.12 -5.76 -6.59
C ILE B 53 29.89 -4.41 -7.23
N VAL B 54 28.65 -4.07 -7.55
CA VAL B 54 28.32 -2.70 -8.00
C VAL B 54 28.70 -1.67 -6.87
N ASN B 55 28.28 -1.94 -5.64
CA ASN B 55 28.64 -1.10 -4.48
C ASN B 55 30.11 -0.92 -4.30
N ARG B 56 30.92 -1.96 -4.51
CA ARG B 56 32.37 -1.78 -4.49
C ARG B 56 32.89 -0.83 -5.54
N VAL B 57 32.30 -0.79 -6.71
CA VAL B 57 32.70 0.24 -7.66
C VAL B 57 32.21 1.67 -7.27
N THR B 58 30.94 1.83 -6.91
CA THR B 58 30.47 3.17 -6.47
C THR B 58 31.29 3.64 -5.25
N ALA B 59 31.68 2.74 -4.35
CA ALA B 59 32.42 3.17 -3.15
C ALA B 59 33.82 3.69 -3.48
N ARG B 60 34.52 3.03 -4.40
CA ARG B 60 35.92 3.32 -4.71
C ARG B 60 35.99 4.55 -5.52
N PHE B 61 34.95 4.83 -6.27
CA PHE B 61 34.92 6.06 -7.02
C PHE B 61 34.10 7.20 -6.29
N GLY B 62 33.65 6.94 -5.08
CA GLY B 62 32.91 7.95 -4.35
C GLY B 62 31.67 8.47 -5.03
N LEU B 63 30.81 7.61 -5.54
CA LEU B 63 29.69 8.04 -6.40
C LEU B 63 28.43 7.51 -5.82
N ASP B 64 27.29 8.13 -6.13
CA ASP B 64 25.99 7.49 -5.79
C ASP B 64 25.58 6.61 -6.93
N ALA B 65 25.03 5.46 -6.58
CA ALA B 65 24.48 4.55 -7.58
C ALA B 65 23.55 5.27 -8.57
N SER B 66 22.88 6.31 -8.10
CA SER B 66 21.79 6.95 -8.83
C SER B 66 22.25 8.18 -9.61
N GLN B 67 23.47 8.61 -9.39
CA GLN B 67 23.99 9.69 -10.20
C GLN B 67 23.85 9.42 -11.73
N GLN B 68 23.28 10.39 -12.43
CA GLN B 68 23.07 10.36 -13.86
C GLN B 68 24.32 10.88 -14.56
N ILE B 69 24.83 10.20 -15.57
CA ILE B 69 26.01 10.67 -16.31
C ILE B 69 25.93 10.35 -17.78
N ARG B 70 26.64 11.12 -18.60
CA ARG B 70 26.72 10.87 -20.02
C ARG B 70 28.17 10.60 -20.32
N LEU B 71 28.48 9.45 -20.91
CA LEU B 71 29.88 9.12 -21.38
C LEU B 71 30.22 9.60 -22.82
N GLU B 72 31.48 9.96 -23.04
CA GLU B 72 31.83 10.93 -24.15
C GLU B 72 31.51 10.41 -25.58
N LYS B 85 22.42 10.38 -24.60
CA LYS B 85 21.55 10.79 -23.44
C LYS B 85 22.01 10.06 -22.12
N THR B 86 21.41 10.41 -20.98
CA THR B 86 22.05 10.19 -19.69
C THR B 86 21.62 8.87 -19.03
N VAL B 87 22.46 8.27 -18.22
CA VAL B 87 22.11 7.00 -17.64
C VAL B 87 22.76 6.88 -16.24
N SER B 88 22.17 6.15 -15.31
CA SER B 88 22.71 6.19 -13.99
C SER B 88 24.01 5.38 -13.88
N VAL B 89 24.86 5.70 -12.94
CA VAL B 89 26.01 4.90 -12.64
C VAL B 89 25.74 3.38 -12.50
N GLU B 90 24.68 3.03 -11.79
CA GLU B 90 24.36 1.65 -11.47
C GLU B 90 23.94 1.01 -12.73
N GLU B 91 23.21 1.71 -13.60
CA GLU B 91 22.85 1.04 -14.82
C GLU B 91 23.99 0.88 -15.78
N LEU B 92 24.88 1.84 -15.88
CA LEU B 92 26.09 1.65 -16.67
C LEU B 92 26.88 0.45 -16.18
N LEU B 93 26.91 0.25 -14.88
CA LEU B 93 27.66 -0.85 -14.30
C LEU B 93 27.06 -2.26 -14.70
N GLN B 94 25.89 -2.26 -15.38
CA GLN B 94 25.25 -3.45 -15.76
C GLN B 94 25.57 -3.79 -17.21
N TYR B 95 26.44 -3.05 -17.85
CA TYR B 95 26.77 -3.30 -19.24
C TYR B 95 28.15 -3.85 -19.41
N VAL B 96 28.89 -3.98 -18.30
CA VAL B 96 30.31 -4.28 -18.29
C VAL B 96 30.60 -5.48 -17.46
N GLU B 97 31.63 -6.20 -17.80
CA GLU B 97 32.16 -7.28 -16.96
C GLU B 97 33.04 -6.65 -15.87
N LEU B 98 32.85 -7.04 -14.64
CA LEU B 98 33.57 -6.43 -13.56
C LEU B 98 34.52 -7.42 -12.91
N GLN B 99 34.54 -8.68 -13.35
CA GLN B 99 35.46 -9.61 -12.71
C GLN B 99 36.28 -10.53 -13.60
N ASP B 100 36.63 -10.00 -14.76
CA ASP B 100 37.68 -10.55 -15.58
C ASP B 100 39.03 -10.14 -15.03
N PRO B 101 40.04 -10.94 -15.28
CA PRO B 101 41.36 -10.59 -14.81
C PRO B 101 41.85 -9.29 -15.42
N VAL B 102 42.67 -8.54 -14.69
CA VAL B 102 43.12 -7.28 -15.23
C VAL B 102 43.90 -7.47 -16.49
N THR B 103 43.59 -6.72 -17.53
CA THR B 103 44.36 -6.85 -18.75
C THR B 103 45.59 -5.99 -18.66
N ARG B 104 46.48 -6.13 -19.65
CA ARG B 104 47.68 -5.33 -19.73
C ARG B 104 47.42 -3.85 -20.10
N THR B 105 46.54 -3.61 -21.04
CA THR B 105 46.01 -2.30 -21.30
C THR B 105 45.53 -1.65 -19.98
N GLN B 106 44.72 -2.39 -19.21
CA GLN B 106 44.23 -1.89 -17.92
C GLN B 106 45.34 -1.59 -16.94
N LEU B 107 46.27 -2.50 -16.84
CA LEU B 107 47.38 -2.31 -15.88
C LEU B 107 48.16 -1.04 -16.30
N ARG B 108 48.32 -0.82 -17.59
CA ARG B 108 49.00 0.34 -18.04
C ARG B 108 48.30 1.68 -17.77
N ALA B 109 46.98 1.68 -17.87
CA ALA B 109 46.20 2.88 -17.70
C ALA B 109 46.28 3.21 -16.22
N MET B 110 46.36 2.20 -15.34
CA MET B 110 46.47 2.43 -13.93
C MET B 110 47.86 2.93 -13.52
N ALA B 111 48.88 2.33 -14.12
CA ALA B 111 50.24 2.80 -13.89
C ALA B 111 50.36 4.30 -14.23
N ALA B 112 49.80 4.72 -15.36
CA ALA B 112 49.90 6.06 -15.87
C ALA B 112 49.11 7.09 -15.05
N LYS B 113 48.25 6.63 -14.14
CA LYS B 113 47.53 7.52 -13.24
C LYS B 113 47.97 7.28 -11.85
N THR B 114 49.13 6.65 -11.67
CA THR B 114 49.55 6.34 -10.31
C THR B 114 50.55 7.36 -9.87
N VAL B 115 50.45 7.84 -8.64
CA VAL B 115 51.27 8.98 -8.19
C VAL B 115 52.12 8.68 -6.98
N ALA B 116 51.93 7.51 -6.37
CA ALA B 116 52.89 6.86 -5.45
C ALA B 116 53.95 6.00 -6.26
N PRO B 117 55.19 6.48 -6.47
CA PRO B 117 56.20 5.76 -7.29
C PRO B 117 56.37 4.26 -7.05
N PRO B 118 56.45 3.79 -5.81
CA PRO B 118 56.54 2.32 -5.60
C PRO B 118 55.36 1.59 -6.16
N HIS B 119 54.20 2.19 -6.03
CA HIS B 119 52.99 1.59 -6.53
C HIS B 119 53.02 1.46 -8.06
N LYS B 120 53.61 2.41 -8.75
CA LYS B 120 53.68 2.30 -10.20
C LYS B 120 54.60 1.13 -10.59
N VAL B 121 55.63 0.90 -9.79
CA VAL B 121 56.57 -0.17 -10.07
C VAL B 121 55.87 -1.49 -9.82
N GLU B 122 55.15 -1.58 -8.71
CA GLU B 122 54.43 -2.77 -8.40
C GLU B 122 53.54 -3.13 -9.55
N LEU B 123 52.83 -2.16 -10.13
CA LEU B 123 51.85 -2.41 -11.15
C LEU B 123 52.55 -2.70 -12.45
N GLU B 124 53.62 -1.99 -12.76
CA GLU B 124 54.37 -2.33 -13.96
C GLU B 124 55.04 -3.74 -13.93
N ALA B 125 55.34 -4.29 -12.75
CA ALA B 125 55.94 -5.61 -12.59
C ALA B 125 54.95 -6.69 -13.06
N LEU B 126 53.67 -6.41 -12.92
CA LEU B 126 52.65 -7.31 -13.31
C LEU B 126 52.58 -7.47 -14.83
N LEU B 127 53.13 -6.54 -15.60
CA LEU B 127 53.05 -6.66 -17.07
C LEU B 127 54.04 -7.72 -17.66
N GLU B 128 55.02 -8.12 -16.86
CA GLU B 128 55.96 -9.14 -17.28
C GLU B 128 55.26 -10.50 -17.43
N LYS B 129 55.75 -11.22 -18.42
CA LYS B 129 55.19 -12.48 -18.87
C LYS B 129 54.89 -13.40 -17.73
N GLN B 130 55.89 -13.72 -16.92
CA GLN B 130 55.70 -14.69 -15.85
C GLN B 130 54.82 -14.16 -14.72
N ALA B 131 55.05 -12.90 -14.31
CA ALA B 131 54.24 -12.38 -13.18
C ALA B 131 52.80 -12.23 -13.64
N TYR B 132 52.62 -11.84 -14.88
CA TYR B 132 51.30 -11.72 -15.38
C TYR B 132 50.58 -13.06 -15.21
N LYS B 133 51.27 -14.16 -15.52
CA LYS B 133 50.62 -15.47 -15.53
C LYS B 133 50.39 -16.00 -14.16
N GLU B 134 51.32 -15.75 -13.26
CA GLU B 134 51.20 -16.30 -11.93
C GLU B 134 50.42 -15.39 -11.00
N GLN B 135 50.56 -14.07 -11.18
CA GLN B 135 49.90 -13.18 -10.21
C GLN B 135 48.58 -12.72 -10.73
N VAL B 136 48.44 -12.49 -12.03
CA VAL B 136 47.14 -12.09 -12.54
C VAL B 136 46.32 -13.29 -13.00
N LEU B 137 46.81 -14.05 -13.99
CA LEU B 137 45.93 -15.16 -14.58
C LEU B 137 45.62 -16.25 -13.64
N ALA B 138 46.63 -16.74 -12.94
CA ALA B 138 46.39 -17.89 -12.07
C ALA B 138 45.47 -17.57 -10.89
N LYS B 139 45.44 -16.29 -10.52
CA LYS B 139 44.65 -15.84 -9.36
C LYS B 139 43.39 -15.08 -9.71
N ARG B 140 43.23 -14.77 -10.98
CA ARG B 140 42.08 -14.04 -11.49
C ARG B 140 41.87 -12.71 -10.75
N LEU B 141 42.97 -11.99 -10.64
CA LEU B 141 43.09 -10.62 -10.09
C LEU B 141 42.48 -9.60 -11.04
N THR B 142 41.45 -8.92 -10.57
CA THR B 142 40.68 -7.99 -11.39
C THR B 142 41.22 -6.53 -11.35
N MET B 143 40.81 -5.66 -12.28
CA MET B 143 41.11 -4.21 -12.20
C MET B 143 40.48 -3.59 -10.96
N LEU B 144 39.26 -3.98 -10.67
CA LEU B 144 38.58 -3.55 -9.49
C LEU B 144 39.37 -3.83 -8.26
N GLU B 145 39.77 -5.09 -8.09
CA GLU B 145 40.57 -5.49 -6.90
C GLU B 145 41.79 -4.57 -6.73
N LEU B 146 42.48 -4.30 -7.82
CA LEU B 146 43.65 -3.47 -7.78
C LEU B 146 43.31 -1.99 -7.46
N LEU B 147 42.21 -1.48 -7.95
CA LEU B 147 41.79 -0.13 -7.63
C LEU B 147 41.59 -0.11 -6.11
N GLU B 148 41.12 -1.20 -5.52
CA GLU B 148 40.86 -1.19 -4.08
C GLU B 148 42.11 -1.24 -3.28
N LYS B 149 43.12 -1.88 -3.84
CA LYS B 149 44.41 -2.00 -3.24
C LYS B 149 45.13 -0.63 -3.30
N TYR B 150 44.99 0.04 -4.44
CA TYR B 150 45.56 1.35 -4.68
C TYR B 150 44.49 2.48 -4.74
N PRO B 151 43.97 2.92 -3.60
CA PRO B 151 42.98 4.03 -3.59
C PRO B 151 43.50 5.34 -4.11
N ALA B 152 44.80 5.56 -4.08
CA ALA B 152 45.35 6.81 -4.61
C ALA B 152 45.54 6.82 -6.11
N CYS B 153 45.18 5.73 -6.82
CA CYS B 153 45.32 5.70 -8.29
C CYS B 153 44.26 6.63 -8.83
N GLU B 154 44.59 7.51 -9.78
CA GLU B 154 43.72 8.64 -10.19
C GLU B 154 42.87 8.39 -11.41
N MET B 155 42.61 7.12 -11.67
CA MET B 155 41.70 6.75 -12.71
C MET B 155 40.32 7.22 -12.31
N LYS B 156 39.60 7.62 -13.30
CA LYS B 156 38.25 8.05 -13.09
C LYS B 156 37.28 7.03 -13.61
N PHE B 157 36.12 7.07 -12.99
CA PHE B 157 35.01 6.28 -13.36
C PHE B 157 34.81 6.12 -14.83
N SER B 158 34.83 7.21 -15.57
CA SER B 158 34.54 7.10 -16.96
C SER B 158 35.64 6.36 -17.78
N GLU B 159 36.85 6.43 -17.33
CA GLU B 159 37.96 5.69 -17.90
C GLU B 159 37.82 4.22 -17.50
N PHE B 160 37.48 3.93 -16.26
CA PHE B 160 37.33 2.59 -15.79
C PHE B 160 36.27 1.81 -16.67
N ILE B 161 35.15 2.45 -16.88
CA ILE B 161 34.08 1.91 -17.63
C ILE B 161 34.48 1.64 -19.10
N ALA B 162 35.14 2.59 -19.73
CA ALA B 162 35.57 2.44 -21.08
C ALA B 162 36.65 1.35 -21.25
N LEU B 163 37.40 1.02 -20.21
CA LEU B 163 38.47 0.03 -20.31
C LEU B 163 37.97 -1.44 -20.14
N LEU B 164 36.66 -1.59 -19.89
CA LEU B 164 36.11 -2.84 -19.49
C LEU B 164 35.38 -3.51 -20.66
N PRO B 165 35.37 -4.85 -20.68
CA PRO B 165 34.63 -5.53 -21.71
C PRO B 165 33.13 -5.35 -21.52
N SER B 166 32.42 -5.32 -22.60
CA SER B 166 31.02 -5.44 -22.59
C SER B 166 30.57 -6.77 -21.92
N ILE B 167 29.50 -6.73 -21.15
CA ILE B 167 29.07 -7.91 -20.43
C ILE B 167 28.58 -9.08 -21.37
N ARG B 168 28.92 -10.31 -21.03
CA ARG B 168 28.74 -11.50 -21.94
C ARG B 168 27.63 -12.39 -21.47
N PRO B 169 26.85 -12.92 -22.40
CA PRO B 169 25.83 -13.93 -22.03
C PRO B 169 26.50 -15.18 -21.46
N ARG B 170 25.82 -15.87 -20.61
CA ARG B 170 26.28 -17.16 -20.17
C ARG B 170 25.25 -18.16 -20.70
N TYR B 171 25.74 -19.34 -21.06
CA TYR B 171 24.98 -20.40 -21.67
C TYR B 171 24.68 -21.50 -20.69
N TYR B 172 23.44 -22.00 -20.77
CA TYR B 172 23.00 -23.09 -19.89
C TYR B 172 22.32 -24.17 -20.72
N SER B 173 22.68 -25.44 -20.52
CA SER B 173 22.05 -26.54 -21.29
C SER B 173 20.63 -26.74 -20.89
N ILE B 174 19.70 -26.72 -21.86
CA ILE B 174 18.27 -26.86 -21.54
C ILE B 174 18.03 -28.24 -21.03
N SER B 175 17.40 -28.38 -19.86
CA SER B 175 17.38 -29.65 -19.15
C SER B 175 15.97 -30.21 -19.19
N SER B 176 15.25 -29.88 -20.23
CA SER B 176 13.92 -30.41 -20.42
C SER B 176 13.71 -30.66 -21.89
N SER B 177 12.69 -31.44 -22.22
CA SER B 177 12.30 -31.67 -23.59
C SER B 177 11.13 -30.84 -23.95
N PRO B 178 11.13 -30.25 -25.16
CA PRO B 178 9.94 -29.48 -25.61
C PRO B 178 8.75 -30.37 -25.92
N ARG B 179 8.98 -31.70 -25.94
CA ARG B 179 7.92 -32.64 -26.14
C ARG B 179 6.99 -32.74 -24.95
N VAL B 180 7.36 -32.29 -23.76
CA VAL B 180 6.35 -32.16 -22.69
C VAL B 180 5.70 -30.78 -22.69
N ASP B 181 6.49 -29.74 -22.96
CA ASP B 181 5.91 -28.38 -23.09
C ASP B 181 6.83 -27.57 -23.99
N GLU B 182 6.37 -27.34 -25.23
CA GLU B 182 7.09 -26.56 -26.20
C GLU B 182 7.42 -25.15 -25.64
N LYS B 183 6.61 -24.60 -24.72
CA LYS B 183 6.77 -23.19 -24.32
C LYS B 183 7.25 -22.96 -22.87
N GLN B 184 7.85 -23.99 -22.30
CA GLN B 184 8.56 -23.88 -21.07
C GLN B 184 9.91 -24.62 -21.13
N ALA B 185 10.97 -23.96 -20.73
CA ALA B 185 12.29 -24.57 -20.73
C ALA B 185 12.91 -24.55 -19.32
N SER B 186 13.65 -25.58 -18.95
CA SER B 186 14.35 -25.51 -17.70
C SER B 186 15.85 -25.57 -17.89
N ILE B 187 16.55 -25.03 -16.91
CA ILE B 187 17.97 -25.06 -16.83
C ILE B 187 18.41 -25.51 -15.44
N THR B 188 19.65 -26.02 -15.37
CA THR B 188 20.22 -26.63 -14.20
C THR B 188 21.56 -25.90 -13.95
N VAL B 189 21.60 -25.08 -12.91
CA VAL B 189 22.62 -24.08 -12.70
C VAL B 189 23.39 -24.31 -11.39
N SER B 190 24.61 -24.74 -11.54
CA SER B 190 25.54 -24.80 -10.51
C SER B 190 26.06 -23.42 -10.04
N VAL B 191 25.91 -23.09 -8.75
CA VAL B 191 26.24 -21.78 -8.24
C VAL B 191 27.73 -21.60 -7.86
N VAL B 192 28.41 -20.69 -8.55
CA VAL B 192 29.83 -20.57 -8.36
C VAL B 192 30.09 -19.66 -7.19
N SER B 193 30.72 -20.18 -6.15
CA SER B 193 30.88 -19.40 -4.94
C SER B 193 32.05 -19.95 -4.17
N GLY B 194 32.88 -19.09 -3.62
CA GLY B 194 34.01 -19.53 -2.85
C GLY B 194 34.85 -18.35 -2.43
N GLU B 195 36.08 -18.65 -2.05
CA GLU B 195 36.96 -17.68 -1.52
C GLU B 195 37.72 -17.22 -2.74
N ALA B 196 37.67 -15.92 -3.01
CA ALA B 196 38.31 -15.38 -4.20
C ALA B 196 39.73 -15.90 -4.30
N TRP B 197 40.16 -16.37 -5.48
CA TRP B 197 41.53 -16.86 -5.61
C TRP B 197 42.51 -15.72 -5.48
N SER B 198 42.08 -14.49 -5.75
CA SER B 198 42.94 -13.30 -5.63
C SER B 198 43.29 -12.91 -4.20
N GLY B 199 42.53 -13.43 -3.23
CA GLY B 199 42.71 -13.07 -1.81
C GLY B 199 41.73 -12.00 -1.35
N TYR B 200 40.99 -11.39 -2.26
CA TYR B 200 40.07 -10.30 -1.93
C TYR B 200 38.70 -10.80 -1.62
N GLY B 201 38.52 -11.32 -0.43
CA GLY B 201 37.21 -11.75 0.06
C GLY B 201 36.53 -12.88 -0.72
N GLU B 202 35.21 -12.95 -0.60
CA GLU B 202 34.40 -14.01 -1.21
C GLU B 202 34.08 -13.74 -2.69
N TYR B 203 34.05 -14.80 -3.47
CA TYR B 203 33.84 -14.73 -4.90
C TYR B 203 32.47 -15.27 -5.24
N LYS B 204 31.81 -14.63 -6.18
CA LYS B 204 30.50 -15.11 -6.66
C LYS B 204 30.45 -15.04 -8.18
N GLY B 205 30.17 -16.17 -8.85
CA GLY B 205 30.06 -16.13 -10.31
C GLY B 205 28.89 -15.25 -10.66
N ILE B 206 29.08 -14.39 -11.63
CA ILE B 206 28.08 -13.39 -11.93
C ILE B 206 26.73 -13.99 -12.34
N ALA B 207 26.69 -14.79 -13.41
CA ALA B 207 25.34 -15.24 -13.94
C ALA B 207 24.76 -16.25 -13.06
N SER B 208 25.60 -17.06 -12.42
CA SER B 208 25.08 -18.17 -11.64
C SER B 208 24.41 -17.71 -10.36
N ASN B 209 24.95 -16.67 -9.75
CA ASN B 209 24.35 -16.06 -8.55
C ASN B 209 23.17 -15.14 -8.91
N TYR B 210 23.23 -14.42 -10.03
CA TYR B 210 22.04 -13.75 -10.55
C TYR B 210 20.90 -14.75 -10.76
N LEU B 211 21.16 -15.88 -11.42
CA LEU B 211 20.12 -16.89 -11.59
C LEU B 211 19.70 -17.47 -10.29
N ALA B 212 20.65 -17.70 -9.40
CA ALA B 212 20.33 -18.24 -8.08
C ALA B 212 19.34 -17.38 -7.27
N GLU B 213 19.32 -16.08 -7.50
CA GLU B 213 18.47 -15.22 -6.66
C GLU B 213 17.12 -14.84 -7.30
N LEU B 214 16.82 -15.31 -8.50
CA LEU B 214 15.54 -15.10 -9.14
C LEU B 214 14.43 -15.87 -8.44
N GLN B 215 13.26 -15.30 -8.42
CA GLN B 215 12.07 -15.86 -7.76
C GLN B 215 11.02 -16.02 -8.87
N GLU B 216 10.05 -16.90 -8.67
CA GLU B 216 8.81 -16.97 -9.49
C GLU B 216 8.30 -15.57 -9.75
N GLY B 217 7.96 -15.28 -11.02
CA GLY B 217 7.38 -14.01 -11.40
C GLY B 217 8.42 -12.96 -11.76
N ASP B 218 9.71 -13.26 -11.55
CA ASP B 218 10.76 -12.33 -11.98
C ASP B 218 10.91 -12.43 -13.52
N THR B 219 11.45 -11.36 -14.08
CA THR B 219 11.62 -11.29 -15.48
C THR B 219 13.11 -11.52 -15.72
N ILE B 220 13.40 -12.04 -16.89
CA ILE B 220 14.76 -12.44 -17.23
C ILE B 220 14.94 -12.22 -18.73
N THR B 221 16.16 -11.90 -19.16
CA THR B 221 16.42 -11.66 -20.54
C THR B 221 17.33 -12.76 -21.03
N CYS B 222 16.89 -13.48 -22.07
CA CYS B 222 17.62 -14.63 -22.59
C CYS B 222 17.33 -14.95 -24.02
N PHE B 223 18.06 -15.90 -24.59
CA PHE B 223 17.78 -16.34 -25.94
C PHE B 223 18.02 -17.79 -26.00
N ILE B 224 17.56 -18.42 -27.09
CA ILE B 224 17.81 -19.79 -27.35
C ILE B 224 18.93 -19.85 -28.37
N SER B 225 19.86 -20.76 -28.16
CA SER B 225 20.96 -20.96 -29.06
C SER B 225 21.15 -22.50 -29.28
N THR B 226 21.63 -22.87 -30.46
CA THR B 226 21.76 -24.24 -30.82
C THR B 226 23.16 -24.48 -31.23
N PRO B 227 23.69 -25.64 -30.84
CA PRO B 227 25.13 -25.85 -31.05
C PRO B 227 25.45 -26.17 -32.49
N GLN B 228 26.68 -25.96 -32.90
CA GLN B 228 27.01 -26.16 -34.26
C GLN B 228 26.80 -27.65 -34.63
N SER B 229 27.42 -28.54 -33.84
CA SER B 229 27.30 -29.99 -34.02
C SER B 229 26.06 -30.45 -33.17
N GLU B 230 25.28 -31.29 -33.74
CA GLU B 230 24.01 -31.71 -33.22
C GLU B 230 24.26 -32.44 -31.92
N PHE B 231 23.38 -32.26 -30.95
CA PHE B 231 23.42 -32.99 -29.70
C PHE B 231 22.01 -33.48 -29.44
N THR B 232 21.60 -34.60 -30.06
CA THR B 232 20.22 -35.10 -29.95
C THR B 232 20.13 -36.59 -29.93
N LEU B 233 18.98 -37.07 -29.56
CA LEU B 233 18.69 -38.48 -29.65
C LEU B 233 18.74 -38.96 -31.11
N PRO B 234 19.21 -40.19 -31.37
CA PRO B 234 19.04 -40.76 -32.71
C PRO B 234 17.60 -40.78 -33.09
N LYS B 235 17.29 -40.71 -34.38
CA LYS B 235 15.86 -40.76 -34.84
C LYS B 235 15.23 -42.08 -34.43
N ASP B 236 16.01 -43.15 -34.50
CA ASP B 236 15.57 -44.50 -34.04
C ASP B 236 15.82 -44.80 -32.53
N PRO B 237 14.74 -44.90 -31.76
CA PRO B 237 14.79 -45.16 -30.28
C PRO B 237 15.34 -46.53 -29.89
N GLU B 238 15.38 -47.45 -30.86
CA GLU B 238 16.00 -48.70 -30.61
C GLU B 238 17.49 -48.52 -30.59
N THR B 239 18.02 -47.39 -31.12
CA THR B 239 19.48 -47.24 -31.15
C THR B 239 20.00 -47.03 -29.75
N PRO B 240 21.02 -47.80 -29.38
CA PRO B 240 21.61 -47.70 -28.06
C PRO B 240 22.44 -46.42 -27.80
N LEU B 241 22.19 -45.86 -26.59
CA LEU B 241 22.83 -44.61 -26.07
C LEU B 241 23.84 -44.91 -24.97
N ILE B 242 24.91 -44.14 -24.91
CA ILE B 242 25.76 -44.10 -23.71
C ILE B 242 25.94 -42.60 -23.39
N MET B 243 25.41 -42.19 -22.21
CA MET B 243 25.39 -40.82 -21.76
C MET B 243 26.23 -40.75 -20.56
N VAL B 244 27.26 -39.92 -20.60
CA VAL B 244 28.14 -39.65 -19.46
C VAL B 244 27.95 -38.18 -18.98
N GLY B 245 27.33 -38.00 -17.83
CA GLY B 245 26.93 -36.67 -17.41
C GLY B 245 26.92 -36.46 -15.91
N PRO B 246 28.06 -36.54 -15.29
CA PRO B 246 28.16 -36.24 -13.84
C PRO B 246 27.90 -34.76 -13.46
N GLY B 247 27.33 -34.59 -12.29
CA GLY B 247 27.07 -33.27 -11.75
C GLY B 247 26.04 -32.57 -12.63
N THR B 248 26.32 -31.31 -12.88
CA THR B 248 25.46 -30.49 -13.72
C THR B 248 25.49 -30.97 -15.16
N GLY B 249 26.47 -31.80 -15.51
CA GLY B 249 26.42 -32.47 -16.78
C GLY B 249 25.20 -33.33 -17.05
N VAL B 250 24.45 -33.69 -16.04
CA VAL B 250 23.21 -34.41 -16.24
C VAL B 250 22.21 -33.57 -16.99
N ALA B 251 22.41 -32.27 -16.96
CA ALA B 251 21.38 -31.38 -17.52
C ALA B 251 20.73 -31.83 -18.87
N PRO B 252 21.47 -31.90 -19.95
CA PRO B 252 20.78 -32.19 -21.25
C PRO B 252 20.13 -33.58 -21.28
N PHE B 253 20.75 -34.52 -20.56
CA PHE B 253 20.22 -35.87 -20.49
C PHE B 253 18.92 -35.97 -19.79
N ARG B 254 18.61 -35.00 -18.93
CA ARG B 254 17.29 -34.93 -18.30
C ARG B 254 16.34 -34.70 -19.41
N GLY B 255 16.72 -33.86 -20.40
CA GLY B 255 15.88 -33.65 -21.56
C GLY B 255 15.71 -34.94 -22.36
N PHE B 256 16.81 -35.66 -22.59
CA PHE B 256 16.79 -36.87 -23.35
C PHE B 256 15.82 -37.90 -22.71
N VAL B 257 15.81 -37.93 -21.36
CA VAL B 257 15.01 -38.83 -20.59
C VAL B 257 13.57 -38.39 -20.65
N GLN B 258 13.26 -37.12 -20.66
CA GLN B 258 11.84 -36.79 -20.81
C GLN B 258 11.35 -37.20 -22.18
N ALA B 259 12.12 -36.94 -23.21
CA ALA B 259 11.72 -37.26 -24.58
C ALA B 259 11.47 -38.78 -24.68
N ARG B 260 12.44 -39.58 -24.23
CA ARG B 260 12.32 -40.99 -24.38
C ARG B 260 11.12 -41.49 -23.63
N LYS B 261 10.74 -40.78 -22.58
CA LYS B 261 9.64 -41.13 -21.74
C LYS B 261 8.37 -40.86 -22.49
N GLN B 262 8.33 -39.80 -23.30
CA GLN B 262 7.18 -39.57 -24.18
C GLN B 262 7.02 -40.65 -25.25
N LEU B 263 8.14 -41.01 -25.85
CA LEU B 263 8.16 -42.08 -26.83
C LEU B 263 7.62 -43.39 -26.25
N LYS B 264 8.10 -43.83 -25.09
CA LYS B 264 7.57 -45.08 -24.50
C LYS B 264 6.09 -45.00 -24.07
N GLU B 265 5.64 -43.84 -23.62
CA GLU B 265 4.24 -43.68 -23.23
C GLU B 265 3.29 -43.69 -24.42
N GLN B 266 3.82 -43.57 -25.62
CA GLN B 266 3.03 -43.68 -26.84
C GLN B 266 3.33 -44.98 -27.65
N GLY B 267 3.72 -46.05 -26.94
CA GLY B 267 4.04 -47.32 -27.60
C GLY B 267 5.18 -47.33 -28.66
N GLN B 268 6.27 -46.61 -28.39
CA GLN B 268 7.49 -46.85 -29.14
C GLN B 268 8.36 -47.72 -28.30
N SER B 269 9.18 -48.54 -28.95
CA SER B 269 10.08 -49.42 -28.24
C SER B 269 11.51 -48.79 -28.16
N LEU B 270 12.04 -48.68 -26.96
CA LEU B 270 13.33 -48.06 -26.71
C LEU B 270 14.41 -49.07 -26.58
N GLY B 271 15.59 -48.73 -27.03
CA GLY B 271 16.76 -49.62 -26.85
C GLY B 271 17.44 -49.42 -25.49
N GLU B 272 18.61 -50.03 -25.33
CA GLU B 272 19.47 -49.79 -24.20
C GLU B 272 19.90 -48.30 -24.15
N ALA B 273 19.94 -47.73 -22.94
CA ALA B 273 20.38 -46.32 -22.74
C ALA B 273 21.06 -46.23 -21.39
N HIS B 274 22.38 -46.15 -21.39
CA HIS B 274 23.19 -46.16 -20.18
C HIS B 274 23.67 -44.73 -19.81
N LEU B 275 23.36 -44.28 -18.60
CA LEU B 275 23.59 -42.91 -18.15
C LEU B 275 24.55 -43.05 -17.02
N TYR B 276 25.76 -42.55 -17.22
CA TYR B 276 26.77 -42.59 -16.16
C TYR B 276 26.70 -41.26 -15.42
N PHE B 277 26.29 -41.32 -14.15
CA PHE B 277 26.07 -40.16 -13.33
C PHE B 277 27.01 -40.24 -12.15
N GLY B 278 27.66 -39.12 -11.84
CA GLY B 278 28.59 -39.03 -10.72
C GLY B 278 28.36 -37.76 -9.89
N CYS B 279 28.47 -37.90 -8.58
CA CYS B 279 28.42 -36.78 -7.67
C CYS B 279 29.10 -37.16 -6.38
N ARG B 280 29.08 -36.27 -5.38
CA ARG B 280 29.84 -36.53 -4.21
C ARG B 280 29.19 -37.64 -3.43
N SER B 281 27.87 -37.63 -3.38
CA SER B 281 27.17 -38.44 -2.46
C SER B 281 25.73 -38.44 -2.74
N PRO B 282 25.08 -39.57 -2.60
CA PRO B 282 23.64 -39.68 -2.90
C PRO B 282 22.76 -38.94 -1.88
N HIS B 283 23.37 -38.58 -0.75
CA HIS B 283 22.67 -37.82 0.25
C HIS B 283 22.94 -36.33 0.20
N GLU B 284 23.60 -35.87 -0.86
CA GLU B 284 24.03 -34.50 -1.01
C GLU B 284 23.61 -33.88 -2.38
N ASP B 285 24.23 -34.37 -3.45
CA ASP B 285 24.21 -33.67 -4.75
C ASP B 285 23.80 -34.56 -5.92
N TYR B 286 22.94 -35.51 -5.62
CA TYR B 286 22.39 -36.40 -6.63
C TYR B 286 21.20 -35.74 -7.27
N LEU B 287 21.50 -34.93 -8.26
CA LEU B 287 20.52 -34.14 -8.93
C LEU B 287 19.50 -35.01 -9.60
N TYR B 288 18.24 -34.61 -9.46
CA TYR B 288 17.13 -35.25 -10.10
C TYR B 288 17.02 -36.76 -9.74
N GLN B 289 17.44 -37.16 -8.55
CA GLN B 289 17.47 -38.57 -8.18
C GLN B 289 16.11 -39.27 -8.38
N GLU B 290 15.04 -38.64 -7.93
CA GLU B 290 13.73 -39.28 -8.00
C GLU B 290 13.36 -39.47 -9.44
N GLU B 291 13.52 -38.46 -10.28
CA GLU B 291 13.08 -38.61 -11.69
C GLU B 291 13.91 -39.65 -12.37
N LEU B 292 15.17 -39.69 -12.04
CA LEU B 292 16.04 -40.58 -12.75
C LEU B 292 15.79 -42.01 -12.34
N GLU B 293 15.46 -42.22 -11.07
CA GLU B 293 15.27 -43.58 -10.55
C GLU B 293 13.93 -44.13 -11.04
N ASN B 294 12.99 -43.23 -11.15
CA ASN B 294 11.73 -43.59 -11.71
C ASN B 294 11.98 -44.07 -13.17
N ALA B 295 12.71 -43.25 -13.91
CA ALA B 295 12.88 -43.47 -15.29
C ALA B 295 13.52 -44.85 -15.49
N GLN B 296 14.45 -45.22 -14.61
CA GLN B 296 15.07 -46.53 -14.67
C GLN B 296 14.02 -47.62 -14.41
N SER B 297 13.12 -47.37 -13.48
CA SER B 297 12.10 -48.37 -13.16
C SER B 297 11.18 -48.55 -14.33
N GLU B 298 10.92 -47.47 -15.05
CA GLU B 298 10.03 -47.56 -16.19
C GLU B 298 10.83 -48.04 -17.44
N GLY B 299 12.07 -48.46 -17.25
CA GLY B 299 12.89 -48.94 -18.38
C GLY B 299 13.37 -47.90 -19.42
N ILE B 300 13.20 -46.60 -19.10
CA ILE B 300 13.70 -45.52 -19.99
C ILE B 300 15.21 -45.53 -20.07
N ILE B 301 15.93 -45.93 -19.02
CA ILE B 301 17.39 -45.87 -19.00
C ILE B 301 17.92 -46.84 -17.97
N THR B 302 19.20 -47.15 -18.03
CA THR B 302 19.90 -47.81 -16.98
C THR B 302 20.92 -46.85 -16.44
N LEU B 303 20.91 -46.74 -15.12
CA LEU B 303 21.64 -45.76 -14.37
C LEU B 303 22.89 -46.37 -13.84
N HIS B 304 24.04 -45.80 -14.07
CA HIS B 304 25.27 -46.27 -13.44
C HIS B 304 25.86 -45.13 -12.57
N THR B 305 25.89 -45.26 -11.25
CA THR B 305 26.23 -44.12 -10.40
C THR B 305 27.63 -44.29 -9.94
N ALA B 306 28.30 -43.17 -9.71
CA ALA B 306 29.58 -43.14 -9.07
C ALA B 306 29.57 -42.00 -8.00
N PHE B 307 29.94 -42.33 -6.78
CA PHE B 307 30.03 -41.32 -5.72
C PHE B 307 31.45 -41.10 -5.27
N SER B 308 31.96 -39.88 -5.40
CA SER B 308 33.34 -39.62 -5.10
C SER B 308 33.65 -39.46 -3.62
N ARG B 309 32.71 -39.04 -2.78
CA ARG B 309 33.06 -38.62 -1.43
C ARG B 309 32.16 -39.38 -0.46
N MET B 310 32.16 -40.71 -0.57
CA MET B 310 31.30 -41.59 0.26
C MET B 310 32.15 -42.26 1.34
N PRO B 311 31.64 -42.31 2.58
CA PRO B 311 32.62 -42.36 3.70
C PRO B 311 33.45 -43.65 3.84
N ASN B 312 32.82 -44.83 3.70
CA ASN B 312 33.64 -46.07 3.76
C ASN B 312 34.09 -46.48 2.35
N GLN B 313 33.37 -46.00 1.32
CA GLN B 313 33.72 -46.37 -0.08
C GLN B 313 34.91 -45.57 -0.68
N PRO B 314 35.61 -46.16 -1.68
CA PRO B 314 36.76 -45.45 -2.30
C PRO B 314 36.31 -44.33 -3.25
N LYS B 315 37.23 -43.40 -3.53
CA LYS B 315 36.94 -42.24 -4.34
C LYS B 315 36.74 -42.61 -5.83
N THR B 316 35.47 -42.68 -6.23
CA THR B 316 35.07 -43.21 -7.54
C THR B 316 34.44 -42.14 -8.47
N TYR B 317 34.84 -42.22 -9.73
CA TYR B 317 34.39 -41.34 -10.75
C TYR B 317 33.82 -42.12 -11.92
N VAL B 318 33.07 -41.42 -12.75
CA VAL B 318 32.42 -42.06 -13.83
C VAL B 318 33.41 -42.85 -14.73
N GLN B 319 34.56 -42.29 -15.08
CA GLN B 319 35.56 -43.03 -15.83
C GLN B 319 36.09 -44.33 -15.12
N HIS B 320 36.02 -44.42 -13.79
CA HIS B 320 36.43 -45.63 -13.10
C HIS B 320 35.41 -46.71 -13.34
N VAL B 321 34.12 -46.36 -13.33
CA VAL B 321 33.05 -47.33 -13.60
C VAL B 321 33.11 -47.77 -15.06
N MET B 322 33.34 -46.84 -15.96
CA MET B 322 33.36 -47.13 -17.37
C MET B 322 34.51 -48.06 -17.75
N GLU B 323 35.70 -47.81 -17.20
CA GLU B 323 36.85 -48.71 -17.29
C GLU B 323 36.51 -50.13 -16.89
N GLN B 324 35.65 -50.28 -15.88
CA GLN B 324 35.16 -51.59 -15.45
C GLN B 324 34.20 -52.12 -16.44
N ASP B 325 33.35 -51.28 -17.01
CA ASP B 325 32.41 -51.75 -18.04
C ASP B 325 33.02 -51.65 -19.43
N GLY B 326 34.34 -51.52 -19.49
CA GLY B 326 35.04 -51.29 -20.75
C GLY B 326 34.62 -52.20 -21.90
N LYS B 327 34.66 -53.52 -21.67
CA LYS B 327 34.20 -54.51 -22.67
C LYS B 327 32.79 -54.27 -23.16
N LYS B 328 31.85 -54.08 -22.27
CA LYS B 328 30.45 -53.99 -22.74
C LYS B 328 30.23 -52.68 -23.57
N LEU B 329 30.92 -51.60 -23.19
CA LEU B 329 30.71 -50.30 -23.83
C LEU B 329 31.30 -50.28 -25.23
N ILE B 330 32.50 -50.82 -25.39
CA ILE B 330 33.19 -50.92 -26.67
C ILE B 330 32.40 -51.82 -27.61
N GLU B 331 31.74 -52.82 -27.03
CA GLU B 331 30.82 -53.65 -27.80
C GLU B 331 29.61 -52.86 -28.29
N LEU B 332 28.94 -52.18 -27.42
CA LEU B 332 27.80 -51.32 -27.80
C LEU B 332 28.20 -50.30 -28.88
N LEU B 333 29.42 -49.80 -28.78
CA LEU B 333 29.92 -48.84 -29.76
C LEU B 333 30.26 -49.52 -31.12
N ASP B 334 30.87 -50.70 -31.11
CA ASP B 334 31.02 -51.55 -32.31
C ASP B 334 29.65 -51.84 -32.99
N GLN B 335 28.60 -52.10 -32.21
CA GLN B 335 27.20 -52.24 -32.75
C GLN B 335 26.43 -50.99 -33.15
N GLY B 336 27.10 -49.81 -33.17
CA GLY B 336 26.43 -48.52 -33.58
C GLY B 336 25.74 -47.62 -32.54
N ALA B 337 26.13 -47.77 -31.26
CA ALA B 337 25.67 -46.88 -30.18
C ALA B 337 26.07 -45.42 -30.42
N HIS B 338 25.24 -44.50 -30.00
CA HIS B 338 25.66 -43.04 -29.88
C HIS B 338 26.21 -42.76 -28.49
N PHE B 339 27.33 -42.07 -28.43
CA PHE B 339 27.97 -41.70 -27.21
C PHE B 339 27.86 -40.18 -27.01
N TYR B 340 27.53 -39.77 -25.77
CA TYR B 340 27.36 -38.39 -25.34
C TYR B 340 28.09 -38.16 -24.01
N ILE B 341 28.89 -37.09 -23.95
CA ILE B 341 29.46 -36.53 -22.75
C ILE B 341 28.93 -35.09 -22.58
N CYS B 342 28.56 -34.75 -21.35
CA CYS B 342 28.13 -33.41 -21.01
C CYS B 342 28.69 -33.09 -19.65
N GLY B 343 28.99 -31.82 -19.43
CA GLY B 343 29.49 -31.31 -18.16
C GLY B 343 30.93 -30.84 -18.24
N ASP B 344 31.69 -31.11 -17.19
CA ASP B 344 33.03 -30.54 -17.06
C ASP B 344 34.00 -31.02 -18.12
N GLY B 345 34.59 -30.07 -18.86
CA GLY B 345 35.50 -30.41 -19.91
C GLY B 345 36.93 -30.21 -19.53
N SER B 346 37.18 -29.68 -18.34
CA SER B 346 38.53 -29.48 -17.90
C SER B 346 39.24 -30.80 -17.55
N GLN B 347 38.64 -31.61 -16.70
CA GLN B 347 39.25 -32.84 -16.21
C GLN B 347 38.39 -34.06 -16.51
N MET B 348 37.08 -33.95 -16.35
CA MET B 348 36.22 -35.08 -16.49
C MET B 348 36.12 -35.62 -17.90
N ALA B 349 35.70 -34.81 -18.86
CA ALA B 349 35.54 -35.31 -20.24
C ALA B 349 36.85 -35.86 -20.84
N PRO B 350 37.98 -35.18 -20.66
CA PRO B 350 39.26 -35.78 -21.08
C PRO B 350 39.62 -37.09 -20.36
N ALA B 351 39.23 -37.22 -19.10
CA ALA B 351 39.47 -38.49 -18.40
C ALA B 351 38.60 -39.55 -19.01
N VAL B 352 37.40 -39.18 -19.39
CA VAL B 352 36.47 -40.15 -19.98
C VAL B 352 36.86 -40.55 -21.40
N GLU B 353 37.34 -39.61 -22.17
CA GLU B 353 37.86 -39.92 -23.48
C GLU B 353 39.01 -40.94 -23.31
N ALA B 354 39.93 -40.67 -22.38
CA ALA B 354 41.13 -41.46 -22.28
C ALA B 354 40.76 -42.88 -21.89
N THR B 355 39.82 -43.06 -21.00
CA THR B 355 39.38 -44.36 -20.54
C THR B 355 38.71 -45.12 -21.68
N LEU B 356 37.90 -44.42 -22.46
CA LEU B 356 37.18 -45.09 -23.56
C LEU B 356 38.19 -45.50 -24.67
N MET B 357 39.23 -44.72 -24.89
CA MET B 357 40.21 -45.08 -25.90
C MET B 357 41.15 -46.16 -25.40
N LYS B 358 41.54 -46.11 -24.13
CA LYS B 358 42.32 -47.20 -23.57
C LYS B 358 41.50 -48.49 -23.61
N SER B 359 40.22 -48.42 -23.30
CA SER B 359 39.37 -49.59 -23.35
C SER B 359 39.30 -50.11 -24.79
N TYR B 360 39.17 -49.24 -25.76
CA TYR B 360 39.17 -49.62 -27.16
C TYR B 360 40.47 -50.35 -27.58
N ALA B 361 41.59 -49.73 -27.27
CA ALA B 361 42.88 -50.26 -27.56
C ALA B 361 43.11 -51.67 -26.91
N ASP B 362 42.67 -51.85 -25.67
CA ASP B 362 42.77 -53.15 -24.97
C ASP B 362 41.84 -54.22 -25.63
N VAL B 363 40.64 -53.83 -26.05
CA VAL B 363 39.73 -54.80 -26.68
C VAL B 363 40.15 -55.19 -28.10
N HIS B 364 40.52 -54.22 -28.93
CA HIS B 364 40.93 -54.53 -30.34
C HIS B 364 42.47 -54.69 -30.52
N GLN B 365 43.21 -54.61 -29.41
CA GLN B 365 44.66 -54.79 -29.38
C GLN B 365 45.37 -53.93 -30.41
N VAL B 366 45.16 -52.61 -30.32
CA VAL B 366 45.72 -51.67 -31.28
C VAL B 366 46.48 -50.54 -30.58
N SER B 367 47.15 -49.69 -31.35
CA SER B 367 47.91 -48.57 -30.72
C SER B 367 46.99 -47.48 -30.12
N GLU B 368 47.54 -46.77 -29.13
CA GLU B 368 46.97 -45.50 -28.65
C GLU B 368 46.57 -44.57 -29.83
N ALA B 369 47.38 -44.56 -30.90
CA ALA B 369 47.09 -43.73 -32.09
C ALA B 369 45.90 -44.23 -32.92
N ASP B 370 45.82 -45.55 -33.15
CA ASP B 370 44.65 -46.14 -33.84
C ASP B 370 43.40 -45.81 -33.04
N ALA B 371 43.54 -45.80 -31.71
CA ALA B 371 42.42 -45.53 -30.84
C ALA B 371 41.93 -44.05 -30.89
N ARG B 372 42.88 -43.14 -30.96
CA ARG B 372 42.63 -41.71 -31.19
C ARG B 372 41.85 -41.55 -32.52
N LEU B 373 42.33 -42.22 -33.57
CA LEU B 373 41.69 -42.20 -34.89
C LEU B 373 40.24 -42.72 -34.83
N TRP B 374 40.07 -43.91 -34.25
CA TRP B 374 38.75 -44.49 -34.09
C TRP B 374 37.71 -43.50 -33.54
N LEU B 375 38.10 -42.79 -32.50
CA LEU B 375 37.23 -41.87 -31.76
C LEU B 375 36.91 -40.58 -32.54
N GLN B 376 37.93 -39.99 -33.19
CA GLN B 376 37.76 -38.87 -34.14
C GLN B 376 36.74 -39.31 -35.14
N GLN B 377 36.96 -40.49 -35.71
CA GLN B 377 36.07 -41.04 -36.73
C GLN B 377 34.60 -41.15 -36.31
N LEU B 378 34.40 -41.67 -35.11
CA LEU B 378 33.08 -41.75 -34.46
C LEU B 378 32.37 -40.40 -34.37
N GLU B 379 33.14 -39.37 -34.07
CA GLU B 379 32.63 -38.00 -34.02
C GLU B 379 32.19 -37.57 -35.40
N GLU B 380 33.03 -37.91 -36.38
CA GLU B 380 32.72 -37.68 -37.81
C GLU B 380 31.44 -38.37 -38.25
N LYS B 381 31.21 -39.62 -37.84
CA LYS B 381 29.97 -40.35 -38.22
C LYS B 381 28.75 -39.84 -37.45
N GLY B 382 28.95 -38.93 -36.51
CA GLY B 382 27.80 -38.38 -35.79
C GLY B 382 27.36 -39.22 -34.59
N ARG B 383 28.29 -39.94 -34.01
CA ARG B 383 27.94 -40.86 -32.90
C ARG B 383 28.73 -40.58 -31.65
N TYR B 384 29.40 -39.44 -31.63
CA TYR B 384 30.06 -38.97 -30.46
C TYR B 384 29.85 -37.47 -30.34
N ALA B 385 28.86 -37.08 -29.51
CA ALA B 385 28.55 -35.71 -29.22
C ALA B 385 29.04 -35.27 -27.82
N LYS B 386 29.44 -33.98 -27.75
CA LYS B 386 29.82 -33.28 -26.50
C LYS B 386 29.01 -32.02 -26.18
N ASP B 387 28.75 -31.83 -24.91
CA ASP B 387 28.20 -30.58 -24.40
C ASP B 387 28.98 -30.26 -23.13
N VAL B 388 30.23 -29.89 -23.32
CA VAL B 388 31.11 -29.69 -22.21
C VAL B 388 31.51 -28.19 -22.05
N TRP B 389 31.93 -27.83 -20.86
CA TRP B 389 32.31 -26.45 -20.51
C TRP B 389 33.33 -26.41 -19.40
N ALA B 390 34.08 -25.35 -19.31
CA ALA B 390 34.96 -25.03 -18.14
C ALA B 390 34.09 -24.34 -17.16
#